data_4D4D
#
_entry.id   4D4D
#
_cell.length_a   83.940
_cell.length_b   85.841
_cell.length_c   103.256
_cell.angle_alpha   90.00
_cell.angle_beta   90.00
_cell.angle_gamma   90.00
#
_symmetry.space_group_name_H-M   'P 21 21 21'
#
loop_
_entity.id
_entity.type
_entity.pdbx_description
1 polymer ALPHA-1,6-MANNANASE
2 non-polymer 5-HYDROXYMETHYL-3,4-DIHYDROXYPIPERIDINE
3 non-polymer alpha-D-mannopyranose
4 non-polymer 1,2-ETHANEDIOL
5 water water
#
_entity_poly.entity_id   1
_entity_poly.type   'polypeptide(L)'
_entity_poly.pdbx_seq_one_letter_code
;MGSSHHHHHHSSGLEVLFQGPAYTASDGDTAMKAFNDTFWDPNAKMFWKDSKREKHQDFWVEAELWELVMDAYQHTSDPA
LKAELKTQIDDVYDGTVAKYGQDWTNNPFNDDIMWWAMGSARAYQITGNPRYLEAARDHFDFVYDTQWDEEFANGGIWWL
NSDHNTKNACINFPAAQAALYLYDITKDEHYLNAATKIFRWGKTMLTDGNGKVFDRIEIEHGAVPDATHYNQGTYIGSAV
GLYKATGNAVYLDDAVKAAKFTKNHLVDSNGVLNYEGPNGDLKGGKTILMRNLAHLQKTLDETGQYPEFSAEFDEWLAFN
IEMAWSHQNSDHIVDGNWAGQLLSGTYESWSSAAAVQALNGI
;
_entity_poly.pdbx_strand_id   A,B
#
# COMPACT_ATOMS: atom_id res chain seq x y z
N SER A 26 21.43 -7.56 -28.44
CA SER A 26 21.29 -8.90 -29.10
C SER A 26 20.32 -9.84 -28.36
N ASP A 27 20.23 -9.73 -27.04
CA ASP A 27 19.28 -10.58 -26.28
C ASP A 27 17.83 -10.38 -26.77
N GLY A 28 17.41 -9.13 -26.97
CA GLY A 28 16.06 -8.83 -27.46
C GLY A 28 15.78 -9.43 -28.82
N ASP A 29 16.77 -9.36 -29.72
CA ASP A 29 16.65 -9.96 -31.05
C ASP A 29 16.51 -11.47 -30.96
N THR A 30 17.41 -12.10 -30.21
CA THR A 30 17.40 -13.55 -30.04
C THR A 30 16.08 -14.02 -29.43
N ALA A 31 15.60 -13.28 -28.43
CA ALA A 31 14.35 -13.65 -27.78
C ALA A 31 13.16 -13.56 -28.73
N MET A 32 13.07 -12.49 -29.52
CA MET A 32 11.96 -12.31 -30.45
C MET A 32 12.02 -13.33 -31.58
N LYS A 33 13.22 -13.58 -32.12
CA LYS A 33 13.36 -14.58 -33.19
C LYS A 33 12.92 -15.97 -32.70
N ALA A 34 13.33 -16.33 -31.49
CA ALA A 34 12.95 -17.61 -30.90
C ALA A 34 11.44 -17.70 -30.66
N PHE A 35 10.84 -16.63 -30.15
CA PHE A 35 9.38 -16.56 -29.96
C PHE A 35 8.64 -16.78 -31.28
N ASN A 36 9.05 -16.07 -32.32
CA ASN A 36 8.46 -16.26 -33.64
C ASN A 36 8.66 -17.70 -34.16
N ASP A 37 9.88 -18.19 -34.06
CA ASP A 37 10.17 -19.55 -34.56
C ASP A 37 9.25 -20.58 -33.88
N THR A 38 9.00 -20.39 -32.59
CA THR A 38 8.22 -21.33 -31.81
C THR A 38 6.70 -21.15 -31.99
N PHE A 39 6.24 -19.90 -32.10
CA PHE A 39 4.82 -19.60 -32.01
C PHE A 39 4.14 -18.95 -33.22
N TRP A 40 4.89 -18.36 -34.14
CA TRP A 40 4.28 -17.67 -35.27
C TRP A 40 3.85 -18.67 -36.33
N ASP A 41 2.59 -18.55 -36.78
CA ASP A 41 2.09 -19.35 -37.89
C ASP A 41 2.03 -18.46 -39.14
N PRO A 42 2.99 -18.64 -40.08
CA PRO A 42 2.99 -17.79 -41.28
C PRO A 42 1.84 -18.09 -42.25
N ASN A 43 1.20 -19.26 -42.11
CA ASN A 43 0.11 -19.59 -43.00
CA ASN A 43 0.06 -19.69 -42.96
C ASN A 43 -1.20 -18.89 -42.59
N ALA A 44 -1.58 -18.95 -41.32
CA ALA A 44 -2.76 -18.24 -40.83
C ALA A 44 -2.46 -16.77 -40.46
N LYS A 45 -1.18 -16.40 -40.41
CA LYS A 45 -0.74 -15.06 -40.00
C LYS A 45 -1.30 -14.70 -38.61
N MET A 46 -1.14 -15.67 -37.72
CA MET A 46 -1.54 -15.52 -36.32
C MET A 46 -0.53 -16.28 -35.46
N PHE A 47 -0.39 -15.92 -34.19
CA PHE A 47 0.37 -16.75 -33.26
C PHE A 47 -0.45 -17.97 -32.82
N TRP A 48 0.25 -19.09 -32.68
CA TRP A 48 -0.27 -20.26 -32.00
C TRP A 48 -0.43 -19.97 -30.51
N LYS A 49 -1.45 -20.58 -29.88
CA LYS A 49 -1.67 -20.42 -28.45
C LYS A 49 -0.60 -21.17 -27.64
N ASP A 50 -0.11 -22.29 -28.16
CA ASP A 50 0.96 -23.02 -27.49
C ASP A 50 1.77 -23.84 -28.50
N SER A 51 2.81 -24.52 -27.99
CA SER A 51 3.74 -25.24 -28.85
C SER A 51 3.20 -26.54 -29.47
N LYS A 52 1.99 -26.97 -29.07
CA LYS A 52 1.34 -28.08 -29.78
CA LYS A 52 1.28 -28.05 -29.76
C LYS A 52 0.77 -27.62 -31.13
N ARG A 53 0.61 -26.31 -31.35
CA ARG A 53 0.22 -25.76 -32.65
C ARG A 53 -1.13 -26.35 -33.12
N GLU A 54 -2.11 -26.33 -32.20
CA GLU A 54 -3.43 -26.88 -32.45
C GLU A 54 -4.55 -25.83 -32.40
N LYS A 55 -4.22 -24.63 -31.95
CA LYS A 55 -5.20 -23.57 -31.78
C LYS A 55 -4.46 -22.25 -31.79
N HIS A 56 -5.02 -21.24 -32.46
CA HIS A 56 -4.40 -19.92 -32.45
C HIS A 56 -4.79 -19.12 -31.23
N GLN A 57 -4.01 -18.09 -30.96
CA GLN A 57 -4.17 -17.28 -29.75
C GLN A 57 -5.52 -16.57 -29.71
N ASP A 58 -6.01 -16.37 -28.49
CA ASP A 58 -7.24 -15.62 -28.26
C ASP A 58 -7.16 -14.21 -28.88
N PHE A 59 -8.31 -13.70 -29.35
CA PHE A 59 -8.37 -12.38 -29.98
C PHE A 59 -7.67 -11.27 -29.18
N TRP A 60 -8.01 -11.09 -27.89
CA TRP A 60 -7.49 -9.92 -27.19
C TRP A 60 -5.98 -10.06 -26.96
N VAL A 61 -5.55 -11.28 -26.65
CA VAL A 61 -4.13 -11.54 -26.43
C VAL A 61 -3.32 -11.30 -27.70
N GLU A 62 -3.93 -11.63 -28.84
CA GLU A 62 -3.26 -11.40 -30.12
C GLU A 62 -2.90 -9.92 -30.33
N ALA A 63 -3.73 -9.00 -29.83
CA ALA A 63 -3.38 -7.56 -29.90
C ALA A 63 -2.13 -7.27 -29.07
N GLU A 64 -1.96 -7.99 -27.97
CA GLU A 64 -0.81 -7.80 -27.09
C GLU A 64 0.48 -8.38 -27.67
N LEU A 65 0.34 -9.48 -28.41
CA LEU A 65 1.46 -10.04 -29.16
C LEU A 65 1.79 -9.15 -30.36
N TRP A 66 0.77 -8.54 -30.96
CA TRP A 66 0.99 -7.54 -32.02
C TRP A 66 1.86 -6.40 -31.49
N GLU A 67 1.52 -5.88 -30.30
CA GLU A 67 2.34 -4.83 -29.69
C GLU A 67 3.75 -5.31 -29.34
N LEU A 68 3.91 -6.58 -28.95
CA LEU A 68 5.26 -7.13 -28.75
C LEU A 68 6.10 -7.05 -30.04
N VAL A 69 5.51 -7.43 -31.17
CA VAL A 69 6.18 -7.30 -32.48
C VAL A 69 6.60 -5.84 -32.70
N MET A 70 5.70 -4.90 -32.42
CA MET A 70 6.01 -3.47 -32.57
C MET A 70 7.14 -3.02 -31.63
N ASP A 71 7.14 -3.53 -30.39
CA ASP A 71 8.20 -3.18 -29.43
C ASP A 71 9.57 -3.71 -29.87
N ALA A 72 9.59 -4.93 -30.41
CA ALA A 72 10.85 -5.49 -30.94
C ALA A 72 11.31 -4.68 -32.16
N TYR A 73 10.37 -4.34 -33.03
CA TYR A 73 10.65 -3.42 -34.15
C TYR A 73 11.35 -2.11 -33.69
N GLN A 74 10.83 -1.52 -32.61
CA GLN A 74 11.41 -0.28 -32.08
C GLN A 74 12.74 -0.49 -31.36
N HIS A 75 12.94 -1.67 -30.79
CA HIS A 75 14.13 -1.91 -29.97
C HIS A 75 15.35 -2.33 -30.79
N THR A 76 15.15 -3.12 -31.84
CA THR A 76 16.26 -3.71 -32.60
C THR A 76 17.12 -2.68 -33.33
N SER A 77 18.41 -3.02 -33.45
CA SER A 77 19.30 -2.21 -34.28
CA SER A 77 19.35 -2.24 -34.24
C SER A 77 19.79 -3.02 -35.48
N ASP A 78 19.15 -4.18 -35.72
CA ASP A 78 19.47 -5.02 -36.88
C ASP A 78 18.50 -4.65 -38.02
N PRO A 79 19.00 -4.02 -39.10
CA PRO A 79 18.07 -3.55 -40.14
C PRO A 79 17.26 -4.66 -40.82
N ALA A 80 17.85 -5.86 -40.97
CA ALA A 80 17.17 -6.96 -41.63
C ALA A 80 16.02 -7.47 -40.77
N LEU A 81 16.30 -7.69 -39.50
CA LEU A 81 15.25 -8.10 -38.55
C LEU A 81 14.16 -7.01 -38.47
N LYS A 82 14.57 -5.75 -38.43
CA LYS A 82 13.61 -4.62 -38.33
C LYS A 82 12.61 -4.65 -39.50
N ALA A 83 13.09 -4.87 -40.72
CA ALA A 83 12.22 -4.91 -41.88
C ALA A 83 11.26 -6.12 -41.83
N GLU A 84 11.75 -7.27 -41.38
CA GLU A 84 10.92 -8.46 -41.22
C GLU A 84 9.80 -8.21 -40.19
N LEU A 85 10.16 -7.58 -39.08
CA LEU A 85 9.19 -7.26 -38.03
C LEU A 85 8.18 -6.21 -38.52
N LYS A 86 8.62 -5.24 -39.32
CA LYS A 86 7.70 -4.24 -39.88
C LYS A 86 6.64 -4.90 -40.76
N THR A 87 7.06 -5.83 -41.61
CA THR A 87 6.14 -6.62 -42.41
C THR A 87 5.17 -7.41 -41.51
N GLN A 88 5.71 -8.02 -40.46
CA GLN A 88 4.90 -8.81 -39.53
C GLN A 88 3.80 -7.99 -38.85
N ILE A 89 4.06 -6.69 -38.62
CA ILE A 89 3.02 -5.81 -38.10
C ILE A 89 1.79 -5.86 -39.00
N ASP A 90 2.00 -5.77 -40.32
CA ASP A 90 0.87 -5.84 -41.25
C ASP A 90 0.23 -7.23 -41.29
N ASP A 91 1.06 -8.28 -41.27
CA ASP A 91 0.58 -9.65 -41.38
C ASP A 91 -0.27 -10.04 -40.18
N VAL A 92 0.11 -9.60 -38.97
CA VAL A 92 -0.71 -9.86 -37.78
C VAL A 92 -2.13 -9.30 -37.94
N TYR A 93 -2.24 -8.05 -38.41
CA TYR A 93 -3.56 -7.47 -38.65
C TYR A 93 -4.34 -8.27 -39.70
N ASP A 94 -3.67 -8.58 -40.83
CA ASP A 94 -4.33 -9.32 -41.91
C ASP A 94 -4.86 -10.69 -41.45
N GLY A 95 -4.08 -11.40 -40.64
CA GLY A 95 -4.52 -12.73 -40.20
C GLY A 95 -5.72 -12.63 -39.27
N THR A 96 -5.70 -11.64 -38.38
CA THR A 96 -6.85 -11.42 -37.50
C THR A 96 -8.11 -10.99 -38.26
N VAL A 97 -7.96 -10.05 -39.20
CA VAL A 97 -9.09 -9.56 -39.98
C VAL A 97 -9.69 -10.70 -40.81
N ALA A 98 -8.84 -11.61 -41.29
CA ALA A 98 -9.36 -12.75 -42.07
C ALA A 98 -10.31 -13.65 -41.25
N LYS A 99 -10.05 -13.76 -39.95
CA LYS A 99 -10.87 -14.63 -39.07
C LYS A 99 -11.98 -13.88 -38.33
N TYR A 100 -11.71 -12.62 -37.97
CA TYR A 100 -12.59 -11.86 -37.08
C TYR A 100 -13.24 -10.63 -37.74
N GLY A 101 -12.88 -10.34 -38.99
CA GLY A 101 -13.35 -9.14 -39.69
C GLY A 101 -12.63 -7.85 -39.29
N GLN A 102 -12.97 -6.76 -39.96
CA GLN A 102 -12.41 -5.42 -39.73
C GLN A 102 -13.20 -4.64 -38.69
N ASP A 103 -14.48 -4.98 -38.52
CA ASP A 103 -15.39 -4.29 -37.61
C ASP A 103 -15.56 -5.19 -36.38
N TRP A 104 -14.93 -4.78 -35.29
CA TRP A 104 -14.90 -5.55 -34.05
C TRP A 104 -16.02 -5.18 -33.10
N THR A 105 -16.93 -4.30 -33.52
CA THR A 105 -17.97 -3.81 -32.62
C THR A 105 -19.08 -4.84 -32.33
N ASN A 106 -19.06 -5.98 -33.03
CA ASN A 106 -19.87 -7.17 -32.72
C ASN A 106 -19.37 -7.98 -31.51
N ASN A 107 -18.17 -7.68 -31.05
CA ASN A 107 -17.60 -8.34 -29.89
C ASN A 107 -18.20 -7.69 -28.64
N PRO A 108 -18.79 -8.49 -27.73
CA PRO A 108 -19.42 -7.91 -26.54
C PRO A 108 -18.44 -7.36 -25.49
N PHE A 109 -17.16 -7.67 -25.63
CA PHE A 109 -16.13 -7.22 -24.69
C PHE A 109 -15.55 -5.87 -25.13
N ASN A 110 -15.86 -4.80 -24.39
CA ASN A 110 -15.31 -3.49 -24.75
C ASN A 110 -13.81 -3.47 -24.60
N ASP A 111 -13.29 -4.21 -23.61
CA ASP A 111 -11.84 -4.31 -23.46
C ASP A 111 -11.16 -4.95 -24.70
N ASP A 112 -11.72 -6.07 -25.20
CA ASP A 112 -11.16 -6.70 -26.42
C ASP A 112 -11.05 -5.67 -27.54
N ILE A 113 -12.12 -4.89 -27.74
CA ILE A 113 -12.15 -3.87 -28.78
C ILE A 113 -11.05 -2.84 -28.55
N MET A 114 -10.95 -2.36 -27.30
CA MET A 114 -9.97 -1.32 -26.99
C MET A 114 -8.52 -1.78 -27.09
N TRP A 115 -8.23 -3.05 -26.75
CA TRP A 115 -6.86 -3.53 -26.93
C TRP A 115 -6.47 -3.44 -28.41
N TRP A 116 -7.41 -3.78 -29.29
CA TRP A 116 -7.16 -3.69 -30.74
C TRP A 116 -7.14 -2.24 -31.25
N ALA A 117 -7.97 -1.37 -30.66
CA ALA A 117 -7.91 0.06 -31.02
C ALA A 117 -6.55 0.65 -30.68
N MET A 118 -6.06 0.35 -29.49
CA MET A 118 -4.74 0.82 -29.06
C MET A 118 -3.62 0.27 -29.96
N GLY A 119 -3.67 -1.04 -30.26
CA GLY A 119 -2.67 -1.61 -31.14
C GLY A 119 -2.71 -0.95 -32.50
N SER A 120 -3.91 -0.66 -32.98
CA SER A 120 -4.07 -0.05 -34.31
C SER A 120 -3.48 1.36 -34.35
N ALA A 121 -3.71 2.14 -33.28
CA ALA A 121 -3.09 3.48 -33.19
C ALA A 121 -1.56 3.39 -33.31
N ARG A 122 -0.96 2.43 -32.59
CA ARG A 122 0.48 2.23 -32.64
C ARG A 122 0.95 1.79 -34.04
N ALA A 123 0.20 0.86 -34.66
CA ALA A 123 0.53 0.41 -36.02
C ALA A 123 0.49 1.58 -37.02
N TYR A 124 -0.44 2.51 -36.83
CA TYR A 124 -0.48 3.71 -37.67
C TYR A 124 0.79 4.55 -37.49
N GLN A 125 1.20 4.75 -36.24
CA GLN A 125 2.43 5.50 -35.96
C GLN A 125 3.65 4.92 -36.66
N ILE A 126 3.70 3.59 -36.71
CA ILE A 126 4.86 2.91 -37.32
C ILE A 126 4.79 2.89 -38.84
N THR A 127 3.61 2.59 -39.39
CA THR A 127 3.48 2.31 -40.82
C THR A 127 2.93 3.44 -41.68
N GLY A 128 2.07 4.29 -41.12
CA GLY A 128 1.39 5.33 -41.91
C GLY A 128 0.19 4.85 -42.74
N ASN A 129 -0.20 3.58 -42.56
CA ASN A 129 -1.27 3.03 -43.39
C ASN A 129 -2.60 3.52 -42.81
N PRO A 130 -3.42 4.21 -43.64
CA PRO A 130 -4.71 4.77 -43.24
C PRO A 130 -5.64 3.79 -42.54
N ARG A 131 -5.60 2.53 -42.94
CA ARG A 131 -6.53 1.56 -42.39
C ARG A 131 -6.41 1.48 -40.86
N TYR A 132 -5.22 1.75 -40.33
CA TYR A 132 -4.96 1.60 -38.89
C TYR A 132 -5.50 2.80 -38.12
N LEU A 133 -5.36 4.00 -38.69
CA LEU A 133 -5.96 5.19 -38.05
C LEU A 133 -7.50 5.07 -37.98
N GLU A 134 -8.09 4.65 -39.09
CA GLU A 134 -9.54 4.40 -39.14
C GLU A 134 -9.95 3.35 -38.12
N ALA A 135 -9.22 2.24 -38.06
CA ALA A 135 -9.52 1.19 -37.12
C ALA A 135 -9.43 1.73 -35.69
N ALA A 136 -8.38 2.48 -35.37
CA ALA A 136 -8.22 3.00 -34.02
C ALA A 136 -9.34 3.98 -33.66
N ARG A 137 -9.54 4.98 -34.53
CA ARG A 137 -10.49 6.04 -34.22
C ARG A 137 -11.93 5.51 -34.17
N ASP A 138 -12.31 4.66 -35.12
CA ASP A 138 -13.69 4.14 -35.16
C ASP A 138 -14.01 3.30 -33.94
N HIS A 139 -13.07 2.47 -33.52
CA HIS A 139 -13.32 1.60 -32.38
C HIS A 139 -13.21 2.33 -31.06
N PHE A 140 -12.25 3.27 -30.94
CA PHE A 140 -12.22 4.11 -29.76
C PHE A 140 -13.54 4.87 -29.59
N ASP A 141 -14.00 5.49 -30.68
CA ASP A 141 -15.25 6.25 -30.62
C ASP A 141 -16.44 5.39 -30.22
N PHE A 142 -16.55 4.19 -30.78
CA PHE A 142 -17.66 3.30 -30.41
C PHE A 142 -17.67 3.11 -28.89
N VAL A 143 -16.52 2.76 -28.32
CA VAL A 143 -16.49 2.49 -26.89
C VAL A 143 -16.69 3.76 -26.06
N TYR A 144 -15.88 4.79 -26.30
CA TYR A 144 -15.94 5.96 -25.44
C TYR A 144 -17.28 6.72 -25.58
N ASP A 145 -17.78 6.81 -26.81
CA ASP A 145 -18.98 7.63 -27.03
C ASP A 145 -20.26 6.92 -26.61
N THR A 146 -20.25 5.59 -26.56
CA THR A 146 -21.47 4.85 -26.23
C THR A 146 -21.42 4.03 -24.95
N GLN A 147 -20.23 3.80 -24.40
CA GLN A 147 -20.06 2.93 -23.22
C GLN A 147 -19.58 3.64 -21.95
N TRP A 148 -19.41 4.96 -22.02
CA TRP A 148 -19.19 5.78 -20.82
C TRP A 148 -20.53 6.06 -20.14
N ASP A 149 -20.55 5.98 -18.82
CA ASP A 149 -21.77 6.25 -18.06
C ASP A 149 -21.42 7.04 -16.80
N GLU A 150 -22.14 8.15 -16.57
CA GLU A 150 -21.95 9.00 -15.40
C GLU A 150 -22.75 8.54 -14.16
N GLU A 151 -23.77 7.72 -14.35
CA GLU A 151 -24.69 7.42 -13.24
CA GLU A 151 -24.67 7.42 -13.26
C GLU A 151 -24.07 6.41 -12.26
N PHE A 152 -23.80 5.19 -12.70
CA PHE A 152 -23.20 4.20 -11.80
C PHE A 152 -21.75 4.56 -11.52
N ALA A 153 -21.42 4.68 -10.22
CA ALA A 153 -20.05 4.94 -9.78
C ALA A 153 -19.49 6.29 -10.28
N ASN A 154 -20.40 7.19 -10.64
CA ASN A 154 -20.05 8.57 -11.03
CA ASN A 154 -20.06 8.56 -11.00
C ASN A 154 -19.11 8.70 -12.23
N GLY A 155 -19.11 7.69 -13.09
CA GLY A 155 -18.29 7.74 -14.30
C GLY A 155 -17.84 6.34 -14.72
N GLY A 156 -16.98 6.30 -15.72
CA GLY A 156 -16.32 5.07 -16.14
C GLY A 156 -16.99 4.36 -17.32
N ILE A 157 -16.16 3.58 -18.01
CA ILE A 157 -16.57 2.78 -19.14
C ILE A 157 -16.96 1.35 -18.69
N TRP A 158 -18.11 0.88 -19.16
CA TRP A 158 -18.55 -0.50 -18.95
C TRP A 158 -17.58 -1.53 -19.52
N TRP A 159 -17.45 -2.64 -18.81
CA TRP A 159 -16.64 -3.77 -19.30
C TRP A 159 -17.18 -4.35 -20.63
N LEU A 160 -18.50 -4.57 -20.69
CA LEU A 160 -19.16 -5.20 -21.84
C LEU A 160 -20.15 -4.23 -22.49
N ASN A 161 -20.42 -4.41 -23.78
CA ASN A 161 -21.50 -3.68 -24.45
C ASN A 161 -22.78 -4.49 -24.54
N SER A 162 -22.76 -5.72 -24.04
CA SER A 162 -23.96 -6.54 -23.93
C SER A 162 -24.68 -6.17 -22.61
N ASP A 163 -24.17 -6.64 -21.49
CA ASP A 163 -24.73 -6.37 -20.18
C ASP A 163 -23.89 -5.28 -19.52
N HIS A 164 -24.53 -4.41 -18.75
CA HIS A 164 -23.89 -3.31 -18.03
C HIS A 164 -23.95 -3.53 -16.52
N ASN A 165 -23.00 -4.32 -16.01
CA ASN A 165 -22.94 -4.66 -14.60
C ASN A 165 -21.65 -4.29 -13.89
N THR A 166 -20.60 -3.96 -14.64
CA THR A 166 -19.29 -3.74 -14.03
C THR A 166 -18.47 -2.80 -14.90
N LYS A 167 -17.64 -2.00 -14.25
CA LYS A 167 -16.69 -1.08 -14.91
C LYS A 167 -15.29 -1.47 -14.41
N ASN A 168 -14.38 -1.74 -15.32
CA ASN A 168 -13.17 -2.49 -15.00
C ASN A 168 -11.89 -1.71 -15.34
N ALA A 169 -10.82 -1.97 -14.58
CA ALA A 169 -9.52 -1.37 -14.88
C ALA A 169 -9.04 -1.77 -16.27
N CYS A 170 -9.36 -3.00 -16.68
CA CYS A 170 -8.85 -3.55 -17.93
C CYS A 170 -9.51 -3.01 -19.19
N ILE A 171 -10.60 -2.23 -19.04
CA ILE A 171 -11.08 -1.36 -20.13
C ILE A 171 -10.68 0.11 -19.90
N ASN A 172 -10.85 0.61 -18.68
CA ASN A 172 -10.67 2.05 -18.46
C ASN A 172 -9.24 2.54 -18.67
N PHE A 173 -8.23 1.88 -18.12
CA PHE A 173 -6.88 2.40 -18.31
C PHE A 173 -6.37 2.20 -19.75
N PRO A 174 -6.64 1.03 -20.37
CA PRO A 174 -6.29 0.93 -21.80
C PRO A 174 -7.00 1.95 -22.67
N ALA A 175 -8.22 2.35 -22.31
CA ALA A 175 -8.92 3.41 -23.05
C ALA A 175 -8.21 4.75 -22.91
N ALA A 176 -7.75 5.05 -21.70
CA ALA A 176 -6.97 6.29 -21.52
C ALA A 176 -5.69 6.23 -22.38
N GLN A 177 -5.04 5.07 -22.43
CA GLN A 177 -3.83 4.93 -23.25
C GLN A 177 -4.12 5.10 -24.74
N ALA A 178 -5.20 4.47 -25.22
CA ALA A 178 -5.59 4.62 -26.62
C ALA A 178 -5.87 6.08 -26.96
N ALA A 179 -6.57 6.77 -26.06
CA ALA A 179 -6.80 8.21 -26.24
C ALA A 179 -5.50 9.00 -26.31
N LEU A 180 -4.53 8.66 -25.47
CA LEU A 180 -3.23 9.37 -25.51
C LEU A 180 -2.51 9.11 -26.84
N TYR A 181 -2.54 7.87 -27.37
CA TYR A 181 -1.94 7.64 -28.70
C TYR A 181 -2.66 8.46 -29.79
N LEU A 182 -3.99 8.47 -29.75
CA LEU A 182 -4.77 9.24 -30.72
C LEU A 182 -4.53 10.75 -30.60
N TYR A 183 -4.36 11.26 -29.37
CA TYR A 183 -3.95 12.66 -29.18
C TYR A 183 -2.61 12.93 -29.81
N ASP A 184 -1.63 12.05 -29.59
CA ASP A 184 -0.30 12.22 -30.16
C ASP A 184 -0.35 12.24 -31.70
N ILE A 185 -1.18 11.38 -32.30
CA ILE A 185 -1.32 11.33 -33.76
C ILE A 185 -2.01 12.58 -34.33
N THR A 186 -3.20 12.87 -33.79
CA THR A 186 -4.08 13.89 -34.36
C THR A 186 -3.88 15.32 -33.85
N LYS A 187 -3.34 15.46 -32.65
CA LYS A 187 -3.29 16.74 -31.90
C LYS A 187 -4.68 17.31 -31.56
N ASP A 188 -5.71 16.47 -31.64
CA ASP A 188 -7.09 16.89 -31.38
C ASP A 188 -7.32 16.79 -29.87
N GLU A 189 -7.58 17.93 -29.23
CA GLU A 189 -7.71 17.97 -27.78
C GLU A 189 -8.84 17.08 -27.28
N HIS A 190 -9.81 16.77 -28.14
CA HIS A 190 -10.83 15.77 -27.81
C HIS A 190 -10.25 14.52 -27.15
N TYR A 191 -9.16 14.02 -27.70
CA TYR A 191 -8.54 12.82 -27.16
C TYR A 191 -7.78 13.04 -25.85
N LEU A 192 -7.08 14.16 -25.71
CA LEU A 192 -6.49 14.48 -24.41
C LEU A 192 -7.56 14.66 -23.32
N ASN A 193 -8.65 15.34 -23.66
CA ASN A 193 -9.73 15.54 -22.71
C ASN A 193 -10.31 14.19 -22.26
N ALA A 194 -10.48 13.26 -23.21
CA ALA A 194 -10.97 11.93 -22.90
C ALA A 194 -10.00 11.20 -21.95
N ALA A 195 -8.69 11.22 -22.28
CA ALA A 195 -7.72 10.54 -21.43
C ALA A 195 -7.73 11.10 -20.01
N THR A 196 -7.80 12.44 -19.89
CA THR A 196 -7.82 13.09 -18.59
C THR A 196 -9.04 12.70 -17.75
N LYS A 197 -10.20 12.68 -18.40
CA LYS A 197 -11.47 12.36 -17.74
C LYS A 197 -11.50 10.89 -17.30
N ILE A 198 -11.11 10.00 -18.20
CA ILE A 198 -11.09 8.57 -17.90
C ILE A 198 -10.12 8.27 -16.74
N PHE A 199 -8.89 8.79 -16.84
CA PHE A 199 -7.90 8.55 -15.80
C PHE A 199 -8.30 9.12 -14.46
N ARG A 200 -8.86 10.33 -14.43
CA ARG A 200 -9.28 10.91 -13.16
C ARG A 200 -10.32 10.02 -12.48
N TRP A 201 -11.30 9.54 -13.25
CA TRP A 201 -12.30 8.62 -12.71
C TRP A 201 -11.60 7.35 -12.20
N GLY A 202 -10.72 6.77 -13.00
CA GLY A 202 -10.10 5.51 -12.62
C GLY A 202 -9.20 5.62 -11.39
N LYS A 203 -8.43 6.70 -11.31
CA LYS A 203 -7.62 6.93 -10.10
C LYS A 203 -8.50 7.03 -8.86
N THR A 204 -9.62 7.73 -8.99
CA THR A 204 -10.52 7.96 -7.85
C THR A 204 -11.29 6.70 -7.41
N MET A 205 -11.83 5.97 -8.39
CA MET A 205 -12.73 4.86 -8.13
C MET A 205 -12.10 3.47 -8.21
N LEU A 206 -10.98 3.35 -8.95
CA LEU A 206 -10.31 2.06 -9.14
C LEU A 206 -8.89 2.01 -8.58
N THR A 207 -8.55 2.92 -7.65
CA THR A 207 -7.32 2.76 -6.88
C THR A 207 -7.54 3.22 -5.45
N ASP A 208 -6.59 2.87 -4.59
CA ASP A 208 -6.58 3.33 -3.19
C ASP A 208 -5.89 4.69 -3.00
N GLY A 209 -5.47 5.34 -4.08
CA GLY A 209 -4.75 6.61 -3.99
C GLY A 209 -3.26 6.48 -3.67
N ASN A 210 -2.79 5.25 -3.42
CA ASN A 210 -1.39 4.96 -3.16
C ASN A 210 -0.81 3.88 -4.04
N GLY A 211 -1.38 3.76 -5.24
CA GLY A 211 -0.80 2.92 -6.27
C GLY A 211 -1.35 1.51 -6.40
N LYS A 212 -2.25 1.10 -5.52
CA LYS A 212 -2.93 -0.19 -5.66
C LYS A 212 -4.13 -0.04 -6.57
N VAL A 213 -4.10 -0.75 -7.71
CA VAL A 213 -5.17 -0.64 -8.73
C VAL A 213 -6.16 -1.79 -8.54
N PHE A 214 -7.43 -1.43 -8.39
CA PHE A 214 -8.49 -2.39 -8.18
C PHE A 214 -8.97 -2.99 -9.50
N ASP A 215 -9.42 -4.23 -9.46
CA ASP A 215 -9.85 -4.90 -10.68
C ASP A 215 -11.06 -4.23 -11.34
N ARG A 216 -12.07 -3.92 -10.53
CA ARG A 216 -13.34 -3.47 -11.09
C ARG A 216 -14.24 -2.94 -9.99
N ILE A 217 -15.34 -2.31 -10.41
CA ILE A 217 -16.40 -1.84 -9.52
C ILE A 217 -17.69 -2.45 -10.10
N GLU A 218 -18.37 -3.26 -9.28
CA GLU A 218 -19.54 -4.04 -9.69
C GLU A 218 -20.82 -3.44 -9.14
N ILE A 219 -21.82 -3.31 -10.00
CA ILE A 219 -23.06 -2.73 -9.55
C ILE A 219 -23.70 -3.66 -8.50
N GLU A 220 -24.30 -3.05 -7.48
CA GLU A 220 -24.89 -3.76 -6.34
C GLU A 220 -23.90 -4.37 -5.36
N HIS A 221 -22.61 -4.16 -5.59
CA HIS A 221 -21.57 -4.72 -4.72
C HIS A 221 -20.56 -3.66 -4.29
N GLY A 222 -19.97 -2.97 -5.26
CA GLY A 222 -18.88 -2.02 -5.02
C GLY A 222 -17.55 -2.50 -5.60
N ALA A 223 -16.47 -1.90 -5.13
CA ALA A 223 -15.14 -2.22 -5.60
C ALA A 223 -14.72 -3.65 -5.26
N VAL A 224 -13.99 -4.26 -6.20
CA VAL A 224 -13.33 -5.55 -6.02
C VAL A 224 -11.83 -5.22 -6.03
N PRO A 225 -11.19 -5.16 -4.86
CA PRO A 225 -9.83 -4.61 -4.75
C PRO A 225 -8.73 -5.65 -4.95
N ASP A 226 -8.89 -6.47 -5.98
CA ASP A 226 -7.89 -7.46 -6.37
C ASP A 226 -6.94 -6.80 -7.36
N ALA A 227 -5.64 -6.75 -7.04
CA ALA A 227 -4.65 -6.14 -7.93
C ALA A 227 -3.93 -7.21 -8.77
N THR A 228 -3.60 -6.85 -10.01
CA THR A 228 -2.93 -7.73 -10.96
C THR A 228 -1.90 -6.97 -11.78
N HIS A 229 -0.95 -7.72 -12.33
CA HIS A 229 0.13 -7.09 -13.08
C HIS A 229 -0.35 -6.22 -14.25
N TYR A 230 -1.30 -6.72 -15.03
CA TYR A 230 -1.65 -5.96 -16.25
C TYR A 230 -2.40 -4.67 -15.96
N ASN A 231 -3.16 -4.62 -14.85
CA ASN A 231 -3.84 -3.39 -14.46
C ASN A 231 -2.88 -2.38 -13.80
N GLN A 232 -1.92 -2.85 -13.01
CA GLN A 232 -0.84 -1.95 -12.59
C GLN A 232 -0.18 -1.35 -13.84
N GLY A 233 0.06 -2.20 -14.85
CA GLY A 233 0.75 -1.75 -16.05
C GLY A 233 0.06 -0.65 -16.84
N THR A 234 -1.22 -0.84 -17.14
CA THR A 234 -1.95 0.13 -17.97
C THR A 234 -2.21 1.41 -17.18
N TYR A 235 -2.39 1.31 -15.86
CA TYR A 235 -2.44 2.51 -15.02
C TYR A 235 -1.12 3.30 -15.11
N ILE A 236 0.00 2.60 -14.97
CA ILE A 236 1.32 3.25 -15.07
C ILE A 236 1.55 3.91 -16.43
N GLY A 237 1.23 3.18 -17.49
CA GLY A 237 1.42 3.70 -18.84
C GLY A 237 0.55 4.92 -19.11
N SER A 238 -0.71 4.85 -18.70
CA SER A 238 -1.58 6.02 -18.90
C SER A 238 -1.09 7.24 -18.08
N ALA A 239 -0.63 6.98 -16.85
CA ALA A 239 -0.13 8.06 -15.99
C ALA A 239 1.11 8.71 -16.64
N VAL A 240 2.06 7.91 -17.11
CA VAL A 240 3.26 8.47 -17.75
C VAL A 240 2.86 9.25 -19.00
N GLY A 241 1.94 8.71 -19.80
CA GLY A 241 1.48 9.44 -21.00
C GLY A 241 0.82 10.76 -20.65
N LEU A 242 0.01 10.78 -19.60
CA LEU A 242 -0.62 12.03 -19.15
C LEU A 242 0.40 13.04 -18.61
N TYR A 243 1.40 12.57 -17.87
CA TYR A 243 2.50 13.45 -17.43
C TYR A 243 3.12 14.15 -18.64
N LYS A 244 3.44 13.37 -19.67
CA LYS A 244 4.10 13.93 -20.87
C LYS A 244 3.20 14.90 -21.63
N ALA A 245 1.90 14.60 -21.70
CA ALA A 245 0.99 15.42 -22.49
C ALA A 245 0.55 16.71 -21.80
N THR A 246 0.53 16.71 -20.46
CA THR A 246 -0.06 17.82 -19.70
C THR A 246 0.97 18.67 -18.95
N GLY A 247 2.14 18.12 -18.67
CA GLY A 247 3.12 18.82 -17.85
C GLY A 247 2.78 18.87 -16.37
N ASN A 248 1.84 18.03 -15.94
CA ASN A 248 1.43 17.99 -14.53
C ASN A 248 2.16 16.85 -13.84
N ALA A 249 3.06 17.22 -12.94
CA ALA A 249 3.93 16.27 -12.24
C ALA A 249 3.17 15.28 -11.37
N VAL A 250 1.94 15.59 -10.96
CA VAL A 250 1.17 14.64 -10.17
C VAL A 250 1.04 13.29 -10.90
N TYR A 251 0.92 13.31 -12.23
CA TYR A 251 0.79 12.06 -12.99
C TYR A 251 2.03 11.19 -12.89
N LEU A 252 3.22 11.81 -12.90
CA LEU A 252 4.44 11.04 -12.69
C LEU A 252 4.49 10.44 -11.29
N ASP A 253 4.08 11.20 -10.30
CA ASP A 253 3.96 10.66 -8.96
C ASP A 253 3.01 9.47 -8.88
N ASP A 254 1.86 9.59 -9.57
CA ASP A 254 0.89 8.51 -9.65
C ASP A 254 1.55 7.22 -10.18
N ALA A 255 2.31 7.37 -11.27
CA ALA A 255 3.00 6.24 -11.87
C ALA A 255 4.02 5.60 -10.92
N VAL A 256 4.82 6.43 -10.26
CA VAL A 256 5.80 5.93 -9.33
C VAL A 256 5.17 5.15 -8.19
N LYS A 257 4.08 5.67 -7.63
CA LYS A 257 3.41 4.97 -6.53
C LYS A 257 2.90 3.59 -6.98
N ALA A 258 2.35 3.50 -8.20
CA ALA A 258 1.88 2.20 -8.71
C ALA A 258 3.03 1.23 -9.02
N ALA A 259 4.17 1.76 -9.43
CA ALA A 259 5.36 0.92 -9.66
C ALA A 259 5.90 0.37 -8.33
N LYS A 260 5.95 1.23 -7.31
CA LYS A 260 6.38 0.83 -5.98
CA LYS A 260 6.39 0.82 -5.98
C LYS A 260 5.44 -0.25 -5.43
N PHE A 261 4.14 -0.05 -5.59
CA PHE A 261 3.20 -1.05 -5.09
C PHE A 261 3.48 -2.41 -5.76
N THR A 262 3.69 -2.40 -7.07
CA THR A 262 3.95 -3.61 -7.81
C THR A 262 5.21 -4.33 -7.30
N LYS A 263 6.29 -3.56 -7.16
CA LYS A 263 7.60 -4.09 -6.73
C LYS A 263 7.58 -4.66 -5.31
N ASN A 264 6.74 -4.09 -4.45
CA ASN A 264 6.69 -4.53 -3.05
C ASN A 264 5.61 -5.55 -2.74
N HIS A 265 4.53 -5.57 -3.55
CA HIS A 265 3.32 -6.31 -3.18
C HIS A 265 2.77 -7.29 -4.21
N LEU A 266 3.36 -7.33 -5.40
CA LEU A 266 2.99 -8.33 -6.41
C LEU A 266 4.20 -9.18 -6.84
N VAL A 267 5.03 -9.47 -5.83
CA VAL A 267 6.26 -10.25 -5.95
C VAL A 267 6.31 -11.35 -4.89
N ASP A 268 7.18 -12.32 -5.14
CA ASP A 268 7.48 -13.33 -4.14
C ASP A 268 8.49 -12.81 -3.09
N SER A 269 8.91 -13.67 -2.16
CA SER A 269 9.79 -13.25 -1.07
CA SER A 269 9.79 -13.23 -1.08
C SER A 269 11.21 -12.86 -1.52
N ASN A 270 11.57 -13.20 -2.75
CA ASN A 270 12.85 -12.77 -3.32
C ASN A 270 12.74 -11.55 -4.21
N GLY A 271 11.51 -11.05 -4.40
CA GLY A 271 11.29 -9.89 -5.25
C GLY A 271 11.01 -10.19 -6.70
N VAL A 272 10.86 -11.48 -7.05
CA VAL A 272 10.53 -11.86 -8.42
C VAL A 272 9.02 -11.71 -8.59
N LEU A 273 8.61 -11.04 -9.65
CA LEU A 273 7.21 -10.88 -9.98
C LEU A 273 6.42 -12.20 -9.90
N ASN A 274 5.23 -12.13 -9.32
CA ASN A 274 4.36 -13.29 -9.15
C ASN A 274 4.00 -14.00 -10.45
N TYR A 275 3.69 -15.28 -10.33
CA TYR A 275 2.97 -16.03 -11.34
C TYR A 275 1.47 -15.94 -11.03
N GLU A 276 0.69 -15.51 -12.00
CA GLU A 276 -0.75 -15.27 -11.81
C GLU A 276 -1.68 -16.36 -12.39
N GLY A 277 -1.14 -17.51 -12.75
CA GLY A 277 -1.99 -18.66 -13.11
C GLY A 277 -2.83 -19.14 -11.92
N PRO A 278 -3.84 -19.97 -12.17
CA PRO A 278 -4.05 -20.63 -13.44
C PRO A 278 -4.91 -19.87 -14.46
N ASN A 279 -5.50 -18.75 -14.08
CA ASN A 279 -6.31 -17.97 -14.99
C ASN A 279 -5.55 -17.65 -16.28
N GLY A 280 -6.15 -18.02 -17.44
CA GLY A 280 -5.45 -17.91 -18.71
C GLY A 280 -5.20 -16.48 -19.14
N ASP A 281 -6.10 -15.58 -18.77
CA ASP A 281 -5.92 -14.17 -19.11
C ASP A 281 -4.82 -13.51 -18.29
N LEU A 282 -4.71 -13.88 -17.02
CA LEU A 282 -3.70 -13.29 -16.14
C LEU A 282 -2.30 -13.89 -16.31
N LYS A 283 -2.21 -15.14 -16.77
CA LYS A 283 -0.91 -15.85 -16.81
C LYS A 283 0.18 -15.07 -17.51
N GLY A 284 -0.19 -14.38 -18.60
CA GLY A 284 0.75 -13.59 -19.38
C GLY A 284 0.78 -12.10 -19.07
N GLY A 285 0.15 -11.67 -17.99
CA GLY A 285 0.03 -10.24 -17.68
C GLY A 285 1.31 -9.48 -17.45
N LYS A 286 2.37 -10.19 -17.07
CA LYS A 286 3.68 -9.57 -16.96
C LYS A 286 4.11 -8.93 -18.29
N THR A 287 3.58 -9.40 -19.41
CA THR A 287 3.90 -8.80 -20.70
C THR A 287 3.48 -7.34 -20.73
N ILE A 288 2.24 -7.09 -20.35
CA ILE A 288 1.68 -5.74 -20.34
C ILE A 288 2.38 -4.90 -19.26
N LEU A 289 2.62 -5.51 -18.09
CA LEU A 289 3.34 -4.79 -17.04
C LEU A 289 4.72 -4.32 -17.54
N MET A 290 5.52 -5.23 -18.09
CA MET A 290 6.87 -4.87 -18.49
C MET A 290 6.87 -3.79 -19.56
N ARG A 291 5.93 -3.86 -20.50
CA ARG A 291 5.85 -2.87 -21.57
C ARG A 291 5.73 -1.48 -20.95
N ASN A 292 4.87 -1.36 -19.93
CA ASN A 292 4.59 -0.08 -19.32
C ASN A 292 5.64 0.37 -18.30
N LEU A 293 6.24 -0.57 -17.60
CA LEU A 293 7.38 -0.22 -16.75
C LEU A 293 8.53 0.38 -17.56
N ALA A 294 8.74 -0.09 -18.79
CA ALA A 294 9.75 0.54 -19.66
C ALA A 294 9.47 2.01 -19.96
N HIS A 295 8.21 2.36 -20.15
CA HIS A 295 7.85 3.78 -20.30
C HIS A 295 8.25 4.60 -19.10
N LEU A 296 7.97 4.08 -17.91
CA LEU A 296 8.34 4.78 -16.69
C LEU A 296 9.86 4.91 -16.59
N GLN A 297 10.59 3.83 -16.86
CA GLN A 297 12.06 3.86 -16.78
C GLN A 297 12.64 4.93 -17.72
N LYS A 298 12.09 5.00 -18.93
CA LYS A 298 12.53 5.99 -19.92
C LYS A 298 12.28 7.43 -19.43
N THR A 299 11.07 7.68 -18.92
CA THR A 299 10.77 9.03 -18.41
C THR A 299 11.62 9.43 -17.21
N LEU A 300 11.87 8.50 -16.29
CA LEU A 300 12.75 8.81 -15.17
C LEU A 300 14.18 9.10 -15.61
N ASP A 301 14.63 8.38 -16.62
CA ASP A 301 16.00 8.57 -17.12
C ASP A 301 16.11 9.95 -17.82
N GLU A 302 15.07 10.28 -18.60
CA GLU A 302 15.03 11.54 -19.35
C GLU A 302 14.95 12.78 -18.44
N THR A 303 14.14 12.70 -17.41
CA THR A 303 13.84 13.87 -16.55
C THR A 303 14.76 13.99 -15.33
N GLY A 304 15.39 12.87 -14.95
CA GLY A 304 16.14 12.80 -13.72
C GLY A 304 15.34 12.86 -12.43
N GLN A 305 14.01 12.77 -12.53
CA GLN A 305 13.15 12.81 -11.36
C GLN A 305 13.22 11.48 -10.60
N TYR A 306 12.88 11.51 -9.30
CA TYR A 306 12.89 10.34 -8.43
C TYR A 306 14.18 9.53 -8.57
N PRO A 307 15.33 10.19 -8.41
CA PRO A 307 16.57 9.44 -8.66
C PRO A 307 16.79 8.23 -7.72
N GLU A 308 16.38 8.33 -6.45
CA GLU A 308 16.54 7.23 -5.51
C GLU A 308 15.72 6.04 -5.93
N PHE A 309 14.44 6.30 -6.20
CA PHE A 309 13.58 5.23 -6.65
C PHE A 309 14.07 4.66 -7.97
N SER A 310 14.49 5.53 -8.89
CA SER A 310 14.95 5.09 -10.22
C SER A 310 16.05 4.04 -10.11
N ALA A 311 17.03 4.29 -9.24
CA ALA A 311 18.12 3.35 -9.04
C ALA A 311 17.64 2.00 -8.48
N GLU A 312 16.77 2.05 -7.47
CA GLU A 312 16.19 0.84 -6.87
C GLU A 312 15.36 0.06 -7.92
N PHE A 313 14.54 0.80 -8.65
CA PHE A 313 13.67 0.25 -9.70
C PHE A 313 14.49 -0.45 -10.79
N ASP A 314 15.53 0.23 -11.28
CA ASP A 314 16.38 -0.33 -12.33
C ASP A 314 17.03 -1.63 -11.87
N GLU A 315 17.52 -1.65 -10.64
CA GLU A 315 18.17 -2.86 -10.10
C GLU A 315 17.18 -4.02 -9.98
N TRP A 316 15.98 -3.72 -9.50
CA TRP A 316 14.94 -4.72 -9.33
C TRP A 316 14.46 -5.28 -10.69
N LEU A 317 14.30 -4.41 -11.68
CA LEU A 317 13.96 -4.85 -13.04
C LEU A 317 15.04 -5.77 -13.64
N ALA A 318 16.28 -5.35 -13.53
CA ALA A 318 17.39 -6.14 -14.07
C ALA A 318 17.46 -7.53 -13.42
N PHE A 319 17.25 -7.57 -12.10
CA PHE A 319 17.21 -8.82 -11.35
C PHE A 319 16.10 -9.75 -11.86
N ASN A 320 14.90 -9.22 -12.00
CA ASN A 320 13.79 -10.01 -12.55
C ASN A 320 14.13 -10.60 -13.93
N ILE A 321 14.71 -9.78 -14.79
CA ILE A 321 15.00 -10.17 -16.16
C ILE A 321 16.05 -11.29 -16.17
N GLU A 322 17.10 -11.13 -15.35
CA GLU A 322 18.14 -12.15 -15.28
C GLU A 322 17.60 -13.44 -14.71
N MET A 323 16.77 -13.36 -13.68
CA MET A 323 16.21 -14.59 -13.13
C MET A 323 15.32 -15.29 -14.15
N ALA A 324 14.46 -14.54 -14.83
CA ALA A 324 13.60 -15.12 -15.85
C ALA A 324 14.40 -15.85 -16.93
N TRP A 325 15.41 -15.17 -17.47
CA TRP A 325 16.17 -15.73 -18.58
C TRP A 325 17.07 -16.89 -18.16
N SER A 326 17.39 -16.97 -16.88
CA SER A 326 18.14 -18.14 -16.40
C SER A 326 17.33 -19.45 -16.46
N HIS A 327 16.01 -19.34 -16.72
CA HIS A 327 15.14 -20.49 -16.88
C HIS A 327 14.78 -20.77 -18.33
N GLN A 328 15.47 -20.12 -19.27
CA GLN A 328 15.18 -20.37 -20.69
C GLN A 328 15.50 -21.82 -21.01
N ASN A 329 14.72 -22.37 -21.93
CA ASN A 329 15.00 -23.69 -22.44
C ASN A 329 16.00 -23.65 -23.60
N SER A 330 16.31 -24.80 -24.22
CA SER A 330 17.33 -24.84 -25.28
C SER A 330 16.93 -24.10 -26.55
N ASP A 331 15.63 -23.83 -26.72
CA ASP A 331 15.13 -23.02 -27.83
C ASP A 331 14.98 -21.53 -27.47
N HIS A 332 15.51 -21.13 -26.31
CA HIS A 332 15.48 -19.74 -25.85
C HIS A 332 14.08 -19.21 -25.57
N ILE A 333 13.23 -20.10 -25.03
CA ILE A 333 11.87 -19.78 -24.61
C ILE A 333 11.82 -19.85 -23.08
N VAL A 334 11.17 -18.85 -22.48
CA VAL A 334 11.04 -18.71 -21.01
C VAL A 334 9.57 -18.78 -20.59
N ASP A 335 9.19 -19.82 -19.85
CA ASP A 335 7.82 -19.93 -19.30
C ASP A 335 7.57 -18.77 -18.31
N GLY A 336 6.30 -18.39 -18.21
CA GLY A 336 5.90 -17.30 -17.36
C GLY A 336 6.02 -17.47 -15.87
N ASN A 337 6.29 -18.68 -15.37
CA ASN A 337 6.64 -18.82 -13.96
CA ASN A 337 6.64 -18.83 -13.97
C ASN A 337 8.13 -18.55 -13.82
N TRP A 338 8.45 -17.28 -13.62
CA TRP A 338 9.85 -16.82 -13.59
C TRP A 338 10.66 -17.31 -12.40
N ALA A 339 9.99 -17.82 -11.38
CA ALA A 339 10.69 -18.35 -10.21
C ALA A 339 11.14 -19.79 -10.39
N GLY A 340 10.69 -20.46 -11.45
CA GLY A 340 11.03 -21.88 -11.67
C GLY A 340 11.13 -22.36 -13.12
N GLN A 341 11.24 -23.67 -13.28
CA GLN A 341 11.48 -24.31 -14.58
C GLN A 341 10.19 -24.69 -15.30
N GLY A 345 7.66 -29.31 -20.94
CA GLY A 345 6.73 -29.86 -21.94
C GLY A 345 6.17 -28.81 -22.88
N THR A 346 4.92 -28.42 -22.65
CA THR A 346 4.21 -27.49 -23.55
C THR A 346 4.33 -26.04 -23.09
N TYR A 347 4.91 -25.21 -23.94
CA TYR A 347 5.07 -23.78 -23.66
C TYR A 347 3.92 -23.02 -24.32
N GLU A 348 3.47 -21.96 -23.65
CA GLU A 348 2.31 -21.17 -24.10
C GLU A 348 2.79 -19.80 -24.54
N SER A 349 2.23 -19.28 -25.64
CA SER A 349 2.72 -18.01 -26.17
C SER A 349 2.43 -16.83 -25.25
N TRP A 350 1.30 -16.80 -24.56
CA TRP A 350 1.01 -15.65 -23.70
C TRP A 350 1.94 -15.66 -22.49
N SER A 351 2.02 -16.79 -21.79
CA SER A 351 2.89 -16.85 -20.64
CA SER A 351 2.91 -16.96 -20.65
C SER A 351 4.36 -16.62 -21.01
N SER A 352 4.79 -17.09 -22.20
CA SER A 352 6.17 -16.95 -22.64
C SER A 352 6.52 -15.57 -23.19
N ALA A 353 5.53 -14.75 -23.49
CA ALA A 353 5.79 -13.44 -24.09
C ALA A 353 6.47 -12.46 -23.15
N ALA A 354 6.22 -12.60 -21.84
CA ALA A 354 6.70 -11.57 -20.91
C ALA A 354 8.23 -11.43 -20.90
N ALA A 355 8.94 -12.57 -20.97
CA ALA A 355 10.38 -12.54 -20.98
C ALA A 355 10.94 -11.87 -22.25
N VAL A 356 10.26 -12.06 -23.37
CA VAL A 356 10.64 -11.42 -24.62
C VAL A 356 10.40 -9.91 -24.55
N GLN A 357 9.24 -9.53 -24.05
CA GLN A 357 8.91 -8.12 -23.84
C GLN A 357 9.98 -7.43 -23.01
N ALA A 358 10.40 -8.08 -21.95
CA ALA A 358 11.38 -7.53 -21.00
C ALA A 358 12.72 -7.16 -21.65
N LEU A 359 13.08 -7.86 -22.72
CA LEU A 359 14.35 -7.56 -23.43
C LEU A 359 14.15 -6.64 -24.62
N ASN A 360 12.93 -6.15 -24.82
CA ASN A 360 12.61 -5.25 -25.93
C ASN A 360 11.95 -3.96 -25.41
N GLY A 361 12.51 -3.46 -24.32
CA GLY A 361 12.01 -2.26 -23.68
C GLY A 361 12.38 -1.01 -24.44
N HIS B 6 -15.89 -0.02 36.44
CA HIS B 6 -15.10 0.27 35.22
C HIS B 6 -14.47 1.68 35.34
N HIS B 7 -14.49 2.53 34.30
CA HIS B 7 -13.61 3.72 34.31
C HIS B 7 -14.09 4.82 35.25
N HIS B 8 -13.14 5.55 35.82
CA HIS B 8 -13.38 6.69 36.71
C HIS B 8 -13.56 7.99 35.91
N HIS B 9 -14.33 8.91 36.51
CA HIS B 9 -14.64 10.22 35.93
C HIS B 9 -14.45 11.29 36.99
N HIS B 10 -14.20 12.51 36.53
CA HIS B 10 -14.03 13.67 37.40
C HIS B 10 -14.14 14.93 36.58
N SER B 11 -14.88 15.93 37.05
CA SER B 11 -14.86 17.25 36.38
C SER B 11 -13.43 17.87 36.37
N SER B 12 -13.14 18.88 35.53
CA SER B 12 -14.00 19.49 34.54
C SER B 12 -13.12 20.14 33.47
N SER B 26 -5.07 -17.63 29.58
CA SER B 26 -4.98 -17.19 28.19
C SER B 26 -3.54 -16.99 27.73
N ASP B 27 -3.37 -16.99 26.41
CA ASP B 27 -2.08 -16.65 25.82
C ASP B 27 -1.70 -15.23 26.25
N GLY B 28 -2.66 -14.30 26.36
CA GLY B 28 -2.38 -12.92 26.84
C GLY B 28 -1.77 -12.86 28.23
N ASP B 29 -2.32 -13.66 29.14
CA ASP B 29 -1.78 -13.79 30.51
C ASP B 29 -0.35 -14.31 30.47
N THR B 30 -0.15 -15.41 29.75
CA THR B 30 1.17 -16.06 29.63
C THR B 30 2.19 -15.09 29.04
N ALA B 31 1.79 -14.40 27.99
CA ALA B 31 2.68 -13.45 27.32
C ALA B 31 3.08 -12.31 28.25
N MET B 32 2.13 -11.76 29.01
CA MET B 32 2.42 -10.65 29.91
C MET B 32 3.29 -11.10 31.08
N LYS B 33 2.99 -12.27 31.65
CA LYS B 33 3.79 -12.79 32.74
C LYS B 33 5.23 -13.03 32.28
N ALA B 34 5.41 -13.61 31.09
CA ALA B 34 6.76 -13.86 30.55
C ALA B 34 7.52 -12.55 30.31
N PHE B 35 6.82 -11.55 29.76
CA PHE B 35 7.40 -10.22 29.53
C PHE B 35 7.89 -9.59 30.84
N ASN B 36 7.04 -9.63 31.87
CA ASN B 36 7.46 -9.15 33.19
C ASN B 36 8.63 -9.94 33.74
N ASP B 37 8.57 -11.26 33.63
CA ASP B 37 9.62 -12.09 34.21
C ASP B 37 10.97 -11.79 33.57
N THR B 38 10.97 -11.50 32.27
CA THR B 38 12.21 -11.25 31.53
C THR B 38 12.70 -9.80 31.69
N PHE B 39 11.79 -8.85 31.73
CA PHE B 39 12.17 -7.44 31.62
C PHE B 39 11.87 -6.49 32.80
N TRP B 40 10.97 -6.86 33.70
CA TRP B 40 10.61 -5.95 34.79
C TRP B 40 11.68 -5.93 35.88
N ASP B 41 12.07 -4.72 36.26
CA ASP B 41 12.96 -4.48 37.40
C ASP B 41 12.13 -4.06 38.61
N PRO B 42 11.93 -4.98 39.58
CA PRO B 42 11.09 -4.64 40.72
C PRO B 42 11.77 -3.68 41.70
N ASN B 43 13.09 -3.51 41.59
CA ASN B 43 13.83 -2.61 42.48
C ASN B 43 13.64 -1.15 42.03
N ALA B 44 13.93 -0.89 40.76
CA ALA B 44 13.80 0.44 40.16
C ALA B 44 12.36 0.75 39.73
N LYS B 45 11.51 -0.28 39.68
CA LYS B 45 10.11 -0.15 39.22
C LYS B 45 10.08 0.44 37.82
N MET B 46 10.88 -0.18 36.94
CA MET B 46 10.99 0.22 35.55
CA MET B 46 11.02 0.23 35.57
C MET B 46 11.36 -1.01 34.73
N PHE B 47 10.98 -1.05 33.46
CA PHE B 47 11.42 -2.12 32.56
C PHE B 47 12.87 -1.92 32.14
N TRP B 48 13.61 -3.03 32.08
CA TRP B 48 14.91 -3.04 31.43
C TRP B 48 14.74 -2.93 29.91
N LYS B 49 15.71 -2.32 29.26
CA LYS B 49 15.69 -2.17 27.80
C LYS B 49 15.92 -3.50 27.08
N ASP B 50 16.72 -4.39 27.67
CA ASP B 50 16.91 -5.71 27.12
C ASP B 50 17.22 -6.70 28.24
N SER B 51 17.30 -7.98 27.87
CA SER B 51 17.44 -9.06 28.84
C SER B 51 18.79 -9.15 29.50
N LYS B 52 19.77 -8.34 29.08
CA LYS B 52 21.04 -8.25 29.83
C LYS B 52 20.86 -7.47 31.14
N ARG B 53 19.76 -6.71 31.24
CA ARG B 53 19.42 -5.98 32.47
CA ARG B 53 19.43 -5.99 32.48
C ARG B 53 20.53 -5.01 32.91
N GLU B 54 21.01 -4.23 31.94
CA GLU B 54 22.04 -3.24 32.19
C GLU B 54 21.58 -1.78 32.04
N LYS B 55 20.56 -1.55 31.23
CA LYS B 55 20.08 -0.20 30.92
CA LYS B 55 20.07 -0.20 30.96
C LYS B 55 18.55 -0.26 30.98
N HIS B 56 17.92 0.68 31.68
CA HIS B 56 16.44 0.72 31.68
C HIS B 56 15.92 1.31 30.37
N GLN B 57 14.65 1.03 30.12
CA GLN B 57 13.99 1.46 28.90
C GLN B 57 13.96 2.98 28.77
N ASP B 58 14.01 3.46 27.53
CA ASP B 58 13.93 4.89 27.24
C ASP B 58 12.62 5.48 27.83
N PHE B 59 12.69 6.75 28.23
CA PHE B 59 11.55 7.43 28.84
C PHE B 59 10.26 7.30 28.03
N TRP B 60 10.27 7.61 26.73
CA TRP B 60 9.00 7.61 25.99
C TRP B 60 8.44 6.21 25.85
N VAL B 61 9.33 5.24 25.58
CA VAL B 61 8.91 3.87 25.41
C VAL B 61 8.32 3.31 26.69
N GLU B 62 8.86 3.75 27.84
CA GLU B 62 8.31 3.31 29.12
C GLU B 62 6.82 3.68 29.30
N ALA B 63 6.38 4.81 28.71
CA ALA B 63 4.94 5.13 28.74
C ALA B 63 4.13 4.09 27.94
N GLU B 64 4.71 3.57 26.86
CA GLU B 64 4.03 2.61 26.02
C GLU B 64 3.99 1.22 26.66
N LEU B 65 5.03 0.89 27.42
CA LEU B 65 5.01 -0.32 28.24
C LEU B 65 4.04 -0.19 29.44
N TRP B 66 3.93 1.03 29.97
CA TRP B 66 2.91 1.31 30.99
C TRP B 66 1.51 1.03 30.45
N GLU B 67 1.23 1.55 29.25
CA GLU B 67 -0.05 1.26 28.60
C GLU B 67 -0.23 -0.23 28.31
N LEU B 68 0.84 -0.95 27.97
CA LEU B 68 0.72 -2.41 27.82
C LEU B 68 0.25 -3.10 29.11
N VAL B 69 0.84 -2.70 30.24
CA VAL B 69 0.41 -3.22 31.54
C VAL B 69 -1.11 -2.94 31.76
N MET B 70 -1.54 -1.73 31.42
CA MET B 70 -2.95 -1.36 31.54
C MET B 70 -3.85 -2.21 30.63
N ASP B 71 -3.38 -2.47 29.39
CA ASP B 71 -4.14 -3.31 28.45
C ASP B 71 -4.25 -4.76 28.92
N ALA B 72 -3.16 -5.30 29.49
CA ALA B 72 -3.23 -6.64 30.08
C ALA B 72 -4.18 -6.68 31.28
N TYR B 73 -4.13 -5.62 32.10
CA TYR B 73 -5.04 -5.48 33.23
C TYR B 73 -6.50 -5.56 32.77
N GLN B 74 -6.83 -4.85 31.67
CA GLN B 74 -8.22 -4.84 31.14
C GLN B 74 -8.61 -6.13 30.42
N HIS B 75 -7.62 -6.84 29.90
CA HIS B 75 -7.88 -8.05 29.12
C HIS B 75 -8.05 -9.31 29.99
N THR B 76 -7.30 -9.41 31.09
CA THR B 76 -7.25 -10.66 31.86
C THR B 76 -8.55 -10.94 32.57
N SER B 77 -8.83 -12.22 32.75
CA SER B 77 -9.93 -12.64 33.62
C SER B 77 -9.43 -13.45 34.85
N ASP B 78 -8.13 -13.39 35.09
CA ASP B 78 -7.50 -14.02 36.24
C ASP B 78 -7.42 -12.96 37.34
N PRO B 79 -8.23 -13.12 38.42
CA PRO B 79 -8.27 -12.01 39.41
C PRO B 79 -6.94 -11.73 40.12
N ALA B 80 -6.12 -12.77 40.32
CA ALA B 80 -4.81 -12.62 40.95
C ALA B 80 -3.85 -11.82 40.06
N LEU B 81 -3.76 -12.20 38.80
CA LEU B 81 -2.95 -11.43 37.85
C LEU B 81 -3.49 -9.99 37.71
N LYS B 82 -4.81 -9.84 37.64
CA LYS B 82 -5.41 -8.50 37.52
C LYS B 82 -4.97 -7.56 38.66
N ALA B 83 -5.02 -8.06 39.89
CA ALA B 83 -4.62 -7.27 41.05
C ALA B 83 -3.12 -6.95 41.02
N GLU B 84 -2.31 -7.92 40.60
CA GLU B 84 -0.88 -7.73 40.41
C GLU B 84 -0.60 -6.60 39.39
N LEU B 85 -1.28 -6.67 38.26
CA LEU B 85 -1.10 -5.66 37.21
C LEU B 85 -1.62 -4.28 37.64
N LYS B 86 -2.73 -4.24 38.38
CA LYS B 86 -3.22 -2.95 38.88
C LYS B 86 -2.18 -2.27 39.77
N THR B 87 -1.54 -3.04 40.65
CA THR B 87 -0.45 -2.50 41.47
C THR B 87 0.72 -2.02 40.59
N GLN B 88 1.04 -2.81 39.57
CA GLN B 88 2.12 -2.46 38.65
C GLN B 88 1.87 -1.15 37.93
N ILE B 89 0.60 -0.82 37.64
CA ILE B 89 0.30 0.50 37.09
C ILE B 89 0.86 1.62 37.97
N ASP B 90 0.65 1.53 39.29
CA ASP B 90 1.15 2.56 40.19
C ASP B 90 2.68 2.49 40.29
N ASP B 91 3.23 1.28 40.32
CA ASP B 91 4.68 1.15 40.45
C ASP B 91 5.46 1.72 39.25
N VAL B 92 4.96 1.52 38.04
CA VAL B 92 5.62 2.08 36.85
C VAL B 92 5.73 3.61 36.98
N TYR B 93 4.62 4.26 37.36
CA TYR B 93 4.65 5.69 37.59
C TYR B 93 5.70 6.06 38.65
N ASP B 94 5.67 5.37 39.79
CA ASP B 94 6.59 5.67 40.87
C ASP B 94 8.06 5.51 40.44
N GLY B 95 8.36 4.45 39.68
CA GLY B 95 9.73 4.24 39.23
C GLY B 95 10.19 5.34 38.28
N THR B 96 9.31 5.76 37.39
CA THR B 96 9.64 6.83 36.45
C THR B 96 9.84 8.17 37.17
N VAL B 97 8.95 8.48 38.11
CA VAL B 97 9.06 9.72 38.88
C VAL B 97 10.35 9.74 39.72
N ALA B 98 10.75 8.58 40.27
CA ALA B 98 12.01 8.54 41.05
C ALA B 98 13.23 8.93 40.19
N LYS B 99 13.20 8.55 38.92
CA LYS B 99 14.33 8.83 38.01
C LYS B 99 14.22 10.18 37.28
N TYR B 100 13.01 10.51 36.85
CA TYR B 100 12.78 11.64 35.93
C TYR B 100 12.03 12.81 36.56
N GLY B 101 11.60 12.65 37.82
CA GLY B 101 10.75 13.65 38.48
C GLY B 101 9.29 13.59 38.05
N GLN B 102 8.46 14.42 38.71
CA GLN B 102 7.03 14.54 38.46
C GLN B 102 6.72 15.51 37.35
N ASP B 103 7.59 16.50 37.15
CA ASP B 103 7.40 17.55 36.14
C ASP B 103 8.28 17.23 34.95
N TRP B 104 7.65 16.81 33.86
CA TRP B 104 8.36 16.39 32.63
C TRP B 104 8.53 17.54 31.64
N THR B 105 8.12 18.75 32.01
CA THR B 105 8.13 19.87 31.05
C THR B 105 9.51 20.42 30.71
N ASN B 106 10.54 19.96 31.43
CA ASN B 106 11.96 20.17 31.14
CA ASN B 106 11.90 20.28 31.04
C ASN B 106 12.53 19.27 30.03
N ASN B 107 11.75 18.27 29.61
CA ASN B 107 12.12 17.39 28.49
C ASN B 107 11.86 18.18 27.20
N PRO B 108 12.87 18.32 26.32
CA PRO B 108 12.66 19.12 25.10
C PRO B 108 11.77 18.45 24.05
N PHE B 109 11.50 17.16 24.20
CA PHE B 109 10.62 16.43 23.28
C PHE B 109 9.14 16.56 23.69
N ASN B 110 8.35 17.28 22.90
CA ASN B 110 6.93 17.40 23.23
C ASN B 110 6.19 16.07 23.12
N ASP B 111 6.63 15.25 22.17
CA ASP B 111 6.06 13.91 22.03
C ASP B 111 6.32 13.08 23.29
N ASP B 112 7.55 13.05 23.80
CA ASP B 112 7.81 12.32 25.04
C ASP B 112 6.84 12.72 26.15
N ILE B 113 6.65 14.04 26.31
CA ILE B 113 5.73 14.56 27.32
C ILE B 113 4.30 14.03 27.07
N MET B 114 3.85 14.11 25.80
CA MET B 114 2.49 13.72 25.48
C MET B 114 2.24 12.23 25.62
N TRP B 115 3.22 11.39 25.32
CA TRP B 115 3.03 9.94 25.55
C TRP B 115 2.74 9.69 27.04
N TRP B 116 3.44 10.41 27.91
CA TRP B 116 3.19 10.28 29.36
C TRP B 116 1.88 10.94 29.82
N ALA B 117 1.49 12.04 29.18
CA ALA B 117 0.19 12.65 29.51
C ALA B 117 -0.96 11.69 29.16
N MET B 118 -0.86 11.04 28.00
CA MET B 118 -1.85 10.06 27.58
C MET B 118 -1.89 8.87 28.53
N GLY B 119 -0.72 8.32 28.85
CA GLY B 119 -0.67 7.21 29.82
C GLY B 119 -1.29 7.59 31.16
N SER B 120 -0.98 8.80 31.61
CA SER B 120 -1.51 9.28 32.90
C SER B 120 -3.04 9.39 32.91
N ALA B 121 -3.61 9.89 31.81
CA ALA B 121 -5.08 9.94 31.68
C ALA B 121 -5.68 8.53 31.82
N ARG B 122 -5.08 7.55 31.13
CA ARG B 122 -5.55 6.17 31.24
C ARG B 122 -5.40 5.61 32.65
N ALA B 123 -4.28 5.95 33.30
CA ALA B 123 -4.06 5.49 34.68
C ALA B 123 -5.15 6.04 35.61
N TYR B 124 -5.58 7.28 35.37
CA TYR B 124 -6.67 7.85 36.14
C TYR B 124 -7.98 7.05 35.91
N GLN B 125 -8.27 6.75 34.64
CA GLN B 125 -9.48 6.00 34.32
C GLN B 125 -9.53 4.68 35.08
N ILE B 126 -8.38 4.01 35.18
CA ILE B 126 -8.33 2.70 35.82
C ILE B 126 -8.33 2.78 37.35
N THR B 127 -7.54 3.69 37.92
CA THR B 127 -7.30 3.71 39.38
C THR B 127 -8.13 4.73 40.14
N GLY B 128 -8.52 5.81 39.47
CA GLY B 128 -9.20 6.92 40.15
C GLY B 128 -8.32 7.77 41.06
N ASN B 129 -6.99 7.61 40.96
CA ASN B 129 -6.06 8.35 41.79
C ASN B 129 -5.85 9.74 41.19
N PRO B 130 -6.21 10.80 41.92
CA PRO B 130 -6.15 12.15 41.32
C PRO B 130 -4.75 12.57 40.87
N ARG B 131 -3.68 11.98 41.40
CA ARG B 131 -2.34 12.37 40.95
C ARG B 131 -2.21 12.17 39.43
N TYR B 132 -2.89 11.16 38.88
CA TYR B 132 -2.81 10.88 37.44
C TYR B 132 -3.58 11.90 36.61
N LEU B 133 -4.74 12.34 37.10
CA LEU B 133 -5.49 13.37 36.38
C LEU B 133 -4.68 14.69 36.37
N GLU B 134 -4.08 15.06 37.50
CA GLU B 134 -3.20 16.23 37.55
C GLU B 134 -2.03 16.11 36.55
N ALA B 135 -1.36 14.96 36.56
CA ALA B 135 -0.24 14.73 35.65
C ALA B 135 -0.69 14.84 34.19
N ALA B 136 -1.83 14.23 33.86
CA ALA B 136 -2.32 14.28 32.48
C ALA B 136 -2.66 15.71 32.06
N ARG B 137 -3.47 16.37 32.88
CA ARG B 137 -3.96 17.70 32.55
C ARG B 137 -2.79 18.70 32.46
N ASP B 138 -1.88 18.67 33.45
CA ASP B 138 -0.81 19.68 33.46
C ASP B 138 0.14 19.53 32.27
N HIS B 139 0.46 18.30 31.92
CA HIS B 139 1.36 18.07 30.79
C HIS B 139 0.68 18.29 29.44
N PHE B 140 -0.57 17.87 29.30
CA PHE B 140 -1.32 18.15 28.08
C PHE B 140 -1.39 19.67 27.87
N ASP B 141 -1.77 20.39 28.93
CA ASP B 141 -1.95 21.84 28.83
C ASP B 141 -0.61 22.52 28.44
N PHE B 142 0.48 22.12 29.06
CA PHE B 142 1.78 22.69 28.72
C PHE B 142 2.02 22.59 27.20
N VAL B 143 1.83 21.39 26.65
CA VAL B 143 2.14 21.19 25.24
C VAL B 143 1.12 21.90 24.34
N TYR B 144 -0.17 21.64 24.54
CA TYR B 144 -1.17 22.23 23.67
C TYR B 144 -1.24 23.75 23.77
N ASP B 145 -1.14 24.29 24.98
CA ASP B 145 -1.30 25.74 25.15
C ASP B 145 -0.07 26.51 24.68
N THR B 146 1.13 25.92 24.77
CA THR B 146 2.35 26.65 24.43
C THR B 146 3.04 26.22 23.14
N GLN B 147 2.70 25.04 22.61
CA GLN B 147 3.41 24.48 21.45
C GLN B 147 2.54 24.32 20.20
N TRP B 148 1.24 24.56 20.30
CA TRP B 148 0.39 24.76 19.11
C TRP B 148 0.74 26.08 18.48
N ASP B 149 0.88 26.09 17.15
CA ASP B 149 1.21 27.30 16.42
C ASP B 149 0.50 27.37 15.08
N GLU B 150 0.09 28.58 14.69
CA GLU B 150 -0.57 28.77 13.42
C GLU B 150 0.27 29.55 12.42
N GLU B 151 1.49 29.96 12.80
CA GLU B 151 2.33 30.75 11.89
C GLU B 151 3.05 29.91 10.82
N PHE B 152 3.12 28.60 11.05
CA PHE B 152 3.75 27.62 10.14
C PHE B 152 2.77 26.47 9.87
N ALA B 153 2.60 26.10 8.59
CA ALA B 153 1.85 24.89 8.20
C ALA B 153 0.39 24.89 8.60
N ASN B 154 -0.18 26.09 8.74
CA ASN B 154 -1.63 26.25 8.98
C ASN B 154 -2.12 25.79 10.34
N GLY B 155 -1.20 25.50 11.26
CA GLY B 155 -1.56 24.89 12.56
C GLY B 155 -0.56 23.83 12.96
N GLY B 156 -0.93 23.06 13.98
CA GLY B 156 -0.14 21.95 14.46
C GLY B 156 0.79 22.25 15.60
N ILE B 157 1.12 21.19 16.33
CA ILE B 157 2.04 21.22 17.47
C ILE B 157 3.46 20.90 17.04
N TRP B 158 4.40 21.74 17.49
CA TRP B 158 5.83 21.49 17.27
C TRP B 158 6.30 20.16 17.89
N TRP B 159 7.27 19.52 17.24
CA TRP B 159 7.89 18.30 17.79
C TRP B 159 8.62 18.56 19.12
N LEU B 160 9.41 19.62 19.17
CA LEU B 160 10.24 19.98 20.32
C LEU B 160 9.83 21.32 20.88
N ASN B 161 10.12 21.52 22.17
CA ASN B 161 9.93 22.82 22.79
C ASN B 161 11.25 23.61 22.88
N SER B 162 12.34 23.00 22.42
CA SER B 162 13.61 23.69 22.27
C SER B 162 13.63 24.40 20.89
N ASP B 163 13.93 23.65 19.85
CA ASP B 163 14.01 24.19 18.48
C ASP B 163 12.65 23.94 17.80
N HIS B 164 12.16 24.92 17.04
CA HIS B 164 10.92 24.79 16.30
C HIS B 164 11.19 24.65 14.78
N ASN B 165 11.53 23.41 14.36
CA ASN B 165 11.85 23.13 12.96
C ASN B 165 10.92 22.17 12.26
N THR B 166 10.09 21.45 13.01
CA THR B 166 9.26 20.40 12.44
CA THR B 166 9.27 20.38 12.44
C THR B 166 8.01 20.19 13.29
N LYS B 167 6.92 19.78 12.64
CA LYS B 167 5.66 19.39 13.29
C LYS B 167 5.35 17.96 12.85
N ASN B 168 5.12 17.06 13.81
CA ASN B 168 5.24 15.63 13.54
C ASN B 168 3.95 14.88 13.89
N ALA B 169 3.70 13.79 13.16
CA ALA B 169 2.56 12.93 13.49
C ALA B 169 2.69 12.35 14.91
N CYS B 170 3.92 12.07 15.34
CA CYS B 170 4.16 11.39 16.61
C CYS B 170 3.95 12.29 17.84
N ILE B 171 3.74 13.59 17.64
CA ILE B 171 3.19 14.44 18.69
C ILE B 171 1.72 14.76 18.42
N ASN B 172 1.36 15.11 17.18
CA ASN B 172 0.00 15.59 16.94
C ASN B 172 -1.11 14.56 17.17
N PHE B 173 -0.95 13.35 16.64
CA PHE B 173 -2.04 12.37 16.86
C PHE B 173 -2.12 11.86 18.30
N PRO B 174 -0.98 11.59 18.96
CA PRO B 174 -1.04 11.29 20.41
C PRO B 174 -1.67 12.43 21.23
N ALA B 175 -1.48 13.69 20.81
CA ALA B 175 -2.12 14.81 21.48
C ALA B 175 -3.65 14.78 21.34
N ALA B 176 -4.14 14.45 20.13
CA ALA B 176 -5.59 14.29 19.92
C ALA B 176 -6.10 13.14 20.82
N GLN B 177 -5.35 12.04 20.88
CA GLN B 177 -5.78 10.92 21.74
C GLN B 177 -5.86 11.32 23.22
N ALA B 178 -4.82 12.00 23.68
CA ALA B 178 -4.79 12.47 25.09
C ALA B 178 -5.98 13.35 25.36
N ALA B 179 -6.27 14.28 24.45
CA ALA B 179 -7.44 15.13 24.60
C ALA B 179 -8.73 14.31 24.68
N LEU B 180 -8.83 13.25 23.88
CA LEU B 180 -10.02 12.40 23.91
C LEU B 180 -10.18 11.68 25.23
N TYR B 181 -9.07 11.15 25.79
CA TYR B 181 -9.17 10.53 27.10
C TYR B 181 -9.61 11.56 28.15
N LEU B 182 -9.00 12.76 28.11
CA LEU B 182 -9.36 13.81 29.07
C LEU B 182 -10.81 14.23 28.91
N TYR B 183 -11.32 14.28 27.68
CA TYR B 183 -12.73 14.57 27.47
C TYR B 183 -13.63 13.49 28.07
N ASP B 184 -13.25 12.23 27.86
CA ASP B 184 -14.04 11.12 28.40
C ASP B 184 -14.10 11.21 29.94
N ILE B 185 -12.97 11.52 30.58
CA ILE B 185 -12.92 11.60 32.02
C ILE B 185 -13.78 12.76 32.55
N THR B 186 -13.61 13.95 31.94
CA THR B 186 -14.09 15.21 32.53
C THR B 186 -15.41 15.72 31.95
N LYS B 187 -15.70 15.31 30.71
CA LYS B 187 -16.78 15.88 29.90
C LYS B 187 -16.62 17.38 29.64
N ASP B 188 -15.41 17.92 29.79
CA ASP B 188 -15.14 19.33 29.55
C ASP B 188 -14.95 19.56 28.05
N GLU B 189 -15.82 20.37 27.46
CA GLU B 189 -15.75 20.65 26.03
C GLU B 189 -14.41 21.16 25.55
N HIS B 190 -13.62 21.78 26.41
CA HIS B 190 -12.28 22.21 26.02
C HIS B 190 -11.48 21.08 25.37
N TYR B 191 -11.59 19.88 25.93
CA TYR B 191 -10.80 18.76 25.43
C TYR B 191 -11.36 18.17 24.14
N LEU B 192 -12.69 18.09 24.01
CA LEU B 192 -13.28 17.67 22.71
C LEU B 192 -12.94 18.68 21.62
N ASN B 193 -13.01 19.97 21.96
CA ASN B 193 -12.66 21.00 20.98
C ASN B 193 -11.19 20.89 20.55
N ALA B 194 -10.31 20.65 21.51
CA ALA B 194 -8.88 20.46 21.18
C ALA B 194 -8.66 19.24 20.29
N ALA B 195 -9.28 18.10 20.64
CA ALA B 195 -9.14 16.89 19.82
C ALA B 195 -9.60 17.14 18.38
N THR B 196 -10.75 17.81 18.26
CA THR B 196 -11.33 18.08 16.96
C THR B 196 -10.40 18.95 16.12
N LYS B 197 -9.86 19.99 16.74
CA LYS B 197 -8.97 20.93 16.03
C LYS B 197 -7.64 20.28 15.62
N ILE B 198 -7.04 19.54 16.54
CA ILE B 198 -5.78 18.87 16.26
C ILE B 198 -5.97 17.84 15.14
N PHE B 199 -7.02 17.01 15.26
CA PHE B 199 -7.24 15.98 14.27
C PHE B 199 -7.56 16.56 12.87
N ARG B 200 -8.38 17.61 12.81
CA ARG B 200 -8.71 18.24 11.53
C ARG B 200 -7.43 18.73 10.85
N TRP B 201 -6.58 19.40 11.64
CA TRP B 201 -5.31 19.88 11.11
C TRP B 201 -4.44 18.71 10.64
N GLY B 202 -4.34 17.67 11.46
CA GLY B 202 -3.51 16.54 11.12
C GLY B 202 -3.99 15.80 9.89
N LYS B 203 -5.30 15.61 9.78
CA LYS B 203 -5.81 14.93 8.59
C LYS B 203 -5.49 15.73 7.32
N THR B 204 -5.62 17.06 7.41
CA THR B 204 -5.39 17.92 6.24
C THR B 204 -3.91 18.03 5.86
N MET B 205 -3.04 18.18 6.87
CA MET B 205 -1.63 18.51 6.65
C MET B 205 -0.66 17.33 6.78
N LEU B 206 -1.02 16.34 7.59
CA LEU B 206 -0.17 15.17 7.83
C LEU B 206 -0.73 13.88 7.22
N THR B 207 -1.72 13.98 6.33
CA THR B 207 -2.13 12.81 5.55
C THR B 207 -2.41 13.23 4.13
N ASP B 208 -2.51 12.23 3.25
CA ASP B 208 -2.86 12.45 1.84
C ASP B 208 -4.37 12.39 1.56
N GLY B 209 -5.18 12.28 2.60
CA GLY B 209 -6.62 12.14 2.42
C GLY B 209 -7.09 10.73 2.09
N ASN B 210 -6.13 9.82 1.90
CA ASN B 210 -6.40 8.44 1.49
C ASN B 210 -5.96 7.43 2.56
N GLY B 211 -5.67 7.91 3.76
CA GLY B 211 -5.29 7.06 4.87
C GLY B 211 -3.80 6.88 5.12
N LYS B 212 -2.95 7.49 4.29
CA LYS B 212 -1.50 7.47 4.54
C LYS B 212 -1.07 8.66 5.41
N VAL B 213 -0.46 8.34 6.56
CA VAL B 213 -0.04 9.36 7.51
C VAL B 213 1.44 9.69 7.28
N PHE B 214 1.71 10.96 7.03
CA PHE B 214 3.07 11.43 6.82
C PHE B 214 3.83 11.54 8.14
N ASP B 215 5.14 11.35 8.11
CA ASP B 215 5.91 11.41 9.35
C ASP B 215 5.89 12.82 9.98
N ARG B 216 6.08 13.84 9.16
CA ARG B 216 6.30 15.21 9.68
C ARG B 216 6.28 16.21 8.55
N ILE B 217 6.24 17.49 8.93
CA ILE B 217 6.43 18.63 8.03
C ILE B 217 7.61 19.43 8.58
N GLU B 218 8.61 19.65 7.72
CA GLU B 218 9.83 20.37 8.09
C GLU B 218 9.79 21.81 7.55
N ILE B 219 10.22 22.76 8.39
CA ILE B 219 10.22 24.18 7.99
C ILE B 219 11.11 24.36 6.74
N GLU B 220 10.66 25.22 5.84
CA GLU B 220 11.34 25.53 4.60
C GLU B 220 11.59 24.30 3.72
N HIS B 221 10.70 23.34 3.83
CA HIS B 221 10.83 22.13 3.08
C HIS B 221 9.44 21.57 2.69
N GLY B 222 8.66 21.19 3.68
CA GLY B 222 7.38 20.55 3.43
C GLY B 222 7.29 19.19 4.08
N ALA B 223 6.30 18.42 3.64
CA ALA B 223 6.04 17.13 4.22
C ALA B 223 7.15 16.13 3.88
N VAL B 224 7.41 15.23 4.84
CA VAL B 224 8.23 14.05 4.65
C VAL B 224 7.25 12.88 4.71
N PRO B 225 6.87 12.33 3.53
CA PRO B 225 5.72 11.40 3.45
C PRO B 225 6.11 9.94 3.68
N ASP B 226 6.88 9.70 4.72
CA ASP B 226 7.31 8.38 5.12
C ASP B 226 6.28 7.86 6.13
N ALA B 227 5.59 6.76 5.82
CA ALA B 227 4.61 6.18 6.73
C ALA B 227 5.23 5.09 7.60
N THR B 228 4.72 4.99 8.83
CA THR B 228 5.19 4.01 9.80
C THR B 228 4.02 3.47 10.62
N HIS B 229 4.24 2.31 11.23
CA HIS B 229 3.18 1.67 11.99
C HIS B 229 2.62 2.53 13.11
N TYR B 230 3.48 3.17 13.90
CA TYR B 230 2.96 3.86 15.10
C TYR B 230 2.15 5.09 14.75
N ASN B 231 2.49 5.74 13.62
CA ASN B 231 1.73 6.92 13.17
C ASN B 231 0.40 6.53 12.51
N GLN B 232 0.37 5.44 11.75
CA GLN B 232 -0.92 4.88 11.36
C GLN B 232 -1.76 4.60 12.61
N GLY B 233 -1.13 4.02 13.62
CA GLY B 233 -1.86 3.62 14.80
C GLY B 233 -2.51 4.77 15.56
N THR B 234 -1.74 5.82 15.86
CA THR B 234 -2.31 6.92 16.64
C THR B 234 -3.34 7.72 15.83
N TYR B 235 -3.15 7.80 14.52
CA TYR B 235 -4.19 8.38 13.66
C TYR B 235 -5.50 7.59 13.74
N ILE B 236 -5.38 6.27 13.61
CA ILE B 236 -6.56 5.38 13.68
C ILE B 236 -7.25 5.49 15.04
N GLY B 237 -6.46 5.49 16.12
CA GLY B 237 -7.03 5.61 17.46
C GLY B 237 -7.74 6.93 17.69
N SER B 238 -7.12 8.02 17.23
CA SER B 238 -7.78 9.31 17.41
CA SER B 238 -7.74 9.36 17.30
C SER B 238 -9.06 9.39 16.55
N ALA B 239 -9.06 8.82 15.34
CA ALA B 239 -10.24 8.81 14.50
C ALA B 239 -11.38 8.01 15.14
N VAL B 240 -11.06 6.82 15.66
CA VAL B 240 -12.07 6.00 16.32
C VAL B 240 -12.59 6.72 17.55
N GLY B 241 -11.70 7.32 18.32
CA GLY B 241 -12.12 8.09 19.50
C GLY B 241 -13.02 9.25 19.16
N LEU B 242 -12.72 9.96 18.08
CA LEU B 242 -13.59 11.06 17.65
C LEU B 242 -14.95 10.54 17.16
N TYR B 243 -14.95 9.40 16.47
CA TYR B 243 -16.21 8.76 16.07
C TYR B 243 -17.08 8.49 17.29
N LYS B 244 -16.48 7.91 18.32
CA LYS B 244 -17.23 7.56 19.53
C LYS B 244 -17.75 8.79 20.26
N ALA B 245 -16.94 9.85 20.30
CA ALA B 245 -17.31 11.06 21.03
C ALA B 245 -18.36 11.90 20.32
N THR B 246 -18.37 11.86 19.00
CA THR B 246 -19.22 12.78 18.22
C THR B 246 -20.35 12.09 17.43
N GLY B 247 -20.20 10.79 17.15
CA GLY B 247 -21.11 10.09 16.27
C GLY B 247 -20.95 10.39 14.79
N ASN B 248 -19.93 11.17 14.42
CA ASN B 248 -19.79 11.59 13.01
C ASN B 248 -19.10 10.47 12.21
N ALA B 249 -19.85 9.88 11.27
CA ALA B 249 -19.40 8.74 10.48
C ALA B 249 -18.12 8.97 9.70
N VAL B 250 -17.83 10.22 9.37
CA VAL B 250 -16.60 10.50 8.59
C VAL B 250 -15.37 10.00 9.37
N TYR B 251 -15.38 10.14 10.71
CA TYR B 251 -14.23 9.72 11.50
C TYR B 251 -13.99 8.21 11.42
N LEU B 252 -15.07 7.41 11.42
CA LEU B 252 -14.93 5.99 11.23
C LEU B 252 -14.37 5.67 9.83
N ASP B 253 -14.86 6.35 8.81
CA ASP B 253 -14.34 6.16 7.46
C ASP B 253 -12.83 6.51 7.42
N ASP B 254 -12.45 7.58 8.08
CA ASP B 254 -11.03 7.98 8.16
C ASP B 254 -10.18 6.82 8.72
N ALA B 255 -10.67 6.21 9.78
CA ALA B 255 -9.96 5.10 10.42
C ALA B 255 -9.85 3.90 9.49
N VAL B 256 -10.95 3.56 8.82
CA VAL B 256 -10.94 2.45 7.89
C VAL B 256 -9.94 2.66 6.74
N LYS B 257 -9.90 3.87 6.16
CA LYS B 257 -8.93 4.13 5.09
C LYS B 257 -7.50 3.93 5.58
N ALA B 258 -7.20 4.40 6.79
CA ALA B 258 -5.83 4.25 7.33
C ALA B 258 -5.48 2.80 7.69
N ALA B 259 -6.49 2.02 8.12
CA ALA B 259 -6.27 0.58 8.37
C ALA B 259 -6.04 -0.18 7.06
N LYS B 260 -6.81 0.14 6.03
CA LYS B 260 -6.60 -0.45 4.71
C LYS B 260 -5.21 -0.11 4.18
N PHE B 261 -4.79 1.14 4.34
CA PHE B 261 -3.45 1.53 3.87
C PHE B 261 -2.38 0.67 4.56
N THR B 262 -2.51 0.51 5.88
CA THR B 262 -1.55 -0.25 6.66
C THR B 262 -1.46 -1.71 6.14
N LYS B 263 -2.63 -2.33 5.99
CA LYS B 263 -2.73 -3.72 5.55
C LYS B 263 -2.21 -3.94 4.13
N ASN B 264 -2.46 -2.99 3.23
CA ASN B 264 -2.03 -3.12 1.85
C ASN B 264 -0.57 -2.77 1.60
N HIS B 265 -0.01 -1.85 2.41
CA HIS B 265 1.29 -1.27 2.10
C HIS B 265 2.38 -1.53 3.10
N LEU B 266 2.06 -1.62 4.39
CA LEU B 266 3.10 -1.70 5.43
C LEU B 266 3.35 -3.14 5.92
N VAL B 267 3.42 -4.02 4.94
CA VAL B 267 3.51 -5.47 5.12
C VAL B 267 4.52 -6.04 4.13
N ASP B 268 5.02 -7.22 4.44
CA ASP B 268 5.91 -7.97 3.54
C ASP B 268 5.12 -8.74 2.48
N SER B 269 5.82 -9.50 1.64
CA SER B 269 5.16 -10.19 0.54
C SER B 269 4.12 -11.23 0.97
N ASN B 270 4.18 -11.70 2.22
CA ASN B 270 3.17 -12.61 2.78
C ASN B 270 2.05 -11.92 3.55
N GLY B 271 2.07 -10.58 3.59
CA GLY B 271 1.07 -9.87 4.35
C GLY B 271 1.36 -9.74 5.84
N VAL B 272 2.56 -10.11 6.27
CA VAL B 272 2.96 -9.94 7.67
C VAL B 272 3.44 -8.50 7.83
N LEU B 273 2.94 -7.83 8.87
CA LEU B 273 3.37 -6.48 9.18
C LEU B 273 4.88 -6.36 9.14
N ASN B 274 5.36 -5.24 8.60
CA ASN B 274 6.81 -5.03 8.47
C ASN B 274 7.53 -5.07 9.81
N TYR B 275 8.80 -5.47 9.75
CA TYR B 275 9.75 -5.18 10.80
C TYR B 275 10.41 -3.86 10.44
N GLU B 276 10.24 -2.87 11.32
CA GLU B 276 10.72 -1.52 11.06
C GLU B 276 12.08 -1.21 11.71
N GLY B 277 12.76 -2.21 12.25
CA GLY B 277 14.18 -2.02 12.60
C GLY B 277 15.00 -1.76 11.33
N PRO B 278 16.26 -1.34 11.47
CA PRO B 278 16.99 -1.30 12.74
C PRO B 278 16.75 -0.08 13.65
N ASN B 279 16.04 0.94 13.18
CA ASN B 279 15.78 2.12 14.00
C ASN B 279 15.16 1.71 15.34
N GLY B 280 15.75 2.19 16.42
CA GLY B 280 15.35 1.72 17.74
C GLY B 280 13.97 2.19 18.18
N ASP B 281 13.58 3.37 17.73
CA ASP B 281 12.24 3.90 18.04
C ASP B 281 11.13 3.19 17.25
N LEU B 282 11.40 2.87 15.99
CA LEU B 282 10.40 2.22 15.14
C LEU B 282 10.29 0.71 15.37
N LYS B 283 11.35 0.07 15.86
CA LYS B 283 11.34 -1.40 15.86
C LYS B 283 10.22 -2.00 16.71
N GLY B 284 9.77 -1.27 17.74
CA GLY B 284 8.65 -1.70 18.55
C GLY B 284 7.30 -1.07 18.20
N GLY B 285 7.23 -0.37 17.08
CA GLY B 285 6.03 0.41 16.73
C GLY B 285 4.76 -0.40 16.55
N LYS B 286 4.88 -1.68 16.21
CA LYS B 286 3.69 -2.54 16.13
C LYS B 286 2.94 -2.59 17.45
N THR B 287 3.60 -2.30 18.56
CA THR B 287 2.90 -2.24 19.85
C THR B 287 1.78 -1.19 19.81
N ILE B 288 2.14 0.00 19.38
CA ILE B 288 1.19 1.09 19.29
C ILE B 288 0.17 0.82 18.19
N LEU B 289 0.62 0.32 17.04
CA LEU B 289 -0.31 -0.04 15.97
C LEU B 289 -1.37 -1.04 16.45
N MET B 290 -0.95 -2.13 17.09
CA MET B 290 -1.88 -3.18 17.48
C MET B 290 -2.88 -2.68 18.51
N ARG B 291 -2.41 -1.87 19.45
CA ARG B 291 -3.29 -1.27 20.46
C ARG B 291 -4.46 -0.54 19.82
N ASN B 292 -4.14 0.23 18.78
CA ASN B 292 -5.16 1.04 18.13
C ASN B 292 -6.01 0.26 17.12
N LEU B 293 -5.42 -0.71 16.41
CA LEU B 293 -6.19 -1.58 15.53
C LEU B 293 -7.27 -2.31 16.33
N ALA B 294 -6.98 -2.66 17.58
CA ALA B 294 -7.97 -3.36 18.41
C ALA B 294 -9.20 -2.45 18.65
N HIS B 295 -8.97 -1.15 18.82
CA HIS B 295 -10.10 -0.21 18.96
C HIS B 295 -11.00 -0.21 17.74
N LEU B 296 -10.38 -0.18 16.55
CA LEU B 296 -11.13 -0.22 15.30
C LEU B 296 -11.88 -1.54 15.17
N GLN B 297 -11.23 -2.65 15.46
CA GLN B 297 -11.87 -3.96 15.36
C GLN B 297 -13.11 -4.01 16.26
N LYS B 298 -12.99 -3.51 17.50
CA LYS B 298 -14.12 -3.54 18.44
C LYS B 298 -15.29 -2.70 17.93
N THR B 299 -14.99 -1.52 17.41
CA THR B 299 -16.05 -0.65 16.87
C THR B 299 -16.73 -1.26 15.65
N LEU B 300 -15.96 -1.86 14.74
CA LEU B 300 -16.56 -2.51 13.59
C LEU B 300 -17.44 -3.68 14.03
N ASP B 301 -16.99 -4.44 15.03
CA ASP B 301 -17.76 -5.57 15.58
CA ASP B 301 -17.78 -5.56 15.57
C ASP B 301 -19.05 -5.09 16.27
N GLU B 302 -18.93 -4.03 17.06
CA GLU B 302 -20.08 -3.55 17.85
C GLU B 302 -21.17 -2.99 16.95
N THR B 303 -20.74 -2.34 15.87
CA THR B 303 -21.64 -1.56 15.02
C THR B 303 -22.11 -2.26 13.74
N GLY B 304 -21.37 -3.27 13.31
CA GLY B 304 -21.69 -3.99 12.10
C GLY B 304 -21.41 -3.23 10.83
N GLN B 305 -20.67 -2.11 10.94
CA GLN B 305 -20.36 -1.31 9.78
C GLN B 305 -19.14 -1.90 9.05
N TYR B 306 -18.99 -1.52 7.78
CA TYR B 306 -17.94 -2.05 6.88
C TYR B 306 -17.77 -3.56 7.03
N PRO B 307 -18.86 -4.33 6.85
CA PRO B 307 -18.78 -5.76 7.15
C PRO B 307 -17.78 -6.55 6.29
N GLU B 308 -17.67 -6.20 5.01
CA GLU B 308 -16.70 -6.90 4.13
C GLU B 308 -15.28 -6.63 4.60
N PHE B 309 -14.95 -5.35 4.82
CA PHE B 309 -13.63 -5.02 5.33
C PHE B 309 -13.39 -5.66 6.69
N SER B 310 -14.37 -5.59 7.58
CA SER B 310 -14.24 -6.16 8.91
C SER B 310 -13.79 -7.63 8.85
N ALA B 311 -14.43 -8.43 8.00
CA ALA B 311 -14.03 -9.82 7.88
C ALA B 311 -12.59 -9.99 7.36
N GLU B 312 -12.22 -9.20 6.35
CA GLU B 312 -10.85 -9.23 5.79
C GLU B 312 -9.81 -8.79 6.84
N PHE B 313 -10.15 -7.72 7.55
CA PHE B 313 -9.32 -7.15 8.62
C PHE B 313 -9.11 -8.17 9.75
N ASP B 314 -10.19 -8.80 10.21
CA ASP B 314 -10.09 -9.78 11.30
C ASP B 314 -9.20 -10.98 10.90
N GLU B 315 -9.36 -11.42 9.66
CA GLU B 315 -8.60 -12.58 9.18
C GLU B 315 -7.11 -12.23 9.10
N TRP B 316 -6.81 -11.03 8.60
CA TRP B 316 -5.44 -10.55 8.49
C TRP B 316 -4.78 -10.34 9.86
N LEU B 317 -5.53 -9.76 10.81
CA LEU B 317 -5.03 -9.58 12.17
C LEU B 317 -4.70 -10.95 12.81
N ALA B 318 -5.64 -11.88 12.70
CA ALA B 318 -5.46 -13.19 13.30
C ALA B 318 -4.25 -13.92 12.68
N PHE B 319 -4.08 -13.78 11.36
CA PHE B 319 -2.91 -14.35 10.67
C PHE B 319 -1.60 -13.78 11.24
N ASN B 320 -1.56 -12.46 11.38
CA ASN B 320 -0.39 -11.80 11.95
C ASN B 320 -0.05 -12.25 13.37
N ILE B 321 -1.08 -12.32 14.20
CA ILE B 321 -0.89 -12.69 15.60
C ILE B 321 -0.44 -14.14 15.72
N GLU B 322 -1.07 -15.03 14.93
CA GLU B 322 -0.69 -16.46 14.87
C GLU B 322 0.80 -16.58 14.46
N MET B 323 1.18 -15.81 13.43
CA MET B 323 2.55 -15.83 12.89
C MET B 323 3.53 -15.38 13.99
N ALA B 324 3.23 -14.27 14.65
CA ALA B 324 4.09 -13.80 15.74
C ALA B 324 4.28 -14.87 16.81
N TRP B 325 3.19 -15.45 17.25
CA TRP B 325 3.30 -16.41 18.32
CA TRP B 325 3.23 -16.42 18.31
C TRP B 325 3.84 -17.77 17.89
N SER B 326 3.78 -18.09 16.60
CA SER B 326 4.47 -19.28 16.06
CA SER B 326 4.46 -19.29 16.08
C SER B 326 5.97 -19.17 16.27
N HIS B 327 6.45 -17.92 16.41
CA HIS B 327 7.88 -17.66 16.55
C HIS B 327 8.35 -17.38 17.96
N GLN B 328 7.54 -17.72 18.96
CA GLN B 328 7.97 -17.55 20.33
C GLN B 328 9.13 -18.48 20.62
N ASN B 329 10.01 -18.03 21.50
CA ASN B 329 11.05 -18.91 22.00
C ASN B 329 10.59 -19.68 23.22
N SER B 330 11.48 -20.43 23.84
CA SER B 330 11.11 -21.27 24.98
C SER B 330 10.68 -20.49 26.24
N ASP B 331 11.07 -19.22 26.34
CA ASP B 331 10.62 -18.36 27.45
C ASP B 331 9.32 -17.62 27.13
N HIS B 332 8.69 -17.95 26.00
CA HIS B 332 7.43 -17.32 25.55
C HIS B 332 7.59 -15.84 25.23
N ILE B 333 8.76 -15.49 24.69
CA ILE B 333 9.08 -14.15 24.20
C ILE B 333 9.17 -14.21 22.69
N VAL B 334 8.61 -13.18 22.06
CA VAL B 334 8.65 -13.10 20.60
CA VAL B 334 8.57 -13.05 20.60
C VAL B 334 9.29 -11.79 20.15
N ASP B 335 10.38 -11.93 19.40
CA ASP B 335 11.07 -10.77 18.87
C ASP B 335 10.19 -10.06 17.83
N GLY B 336 10.37 -8.76 17.71
CA GLY B 336 9.55 -7.95 16.82
C GLY B 336 9.67 -8.23 15.34
N ASN B 337 10.71 -8.95 14.91
CA ASN B 337 10.77 -9.41 13.52
C ASN B 337 9.88 -10.66 13.40
N TRP B 338 8.56 -10.43 13.29
CA TRP B 338 7.57 -11.49 13.36
C TRP B 338 7.73 -12.52 12.25
N ALA B 339 8.29 -12.13 11.11
CA ALA B 339 8.53 -13.05 10.00
C ALA B 339 9.79 -13.90 10.17
N GLY B 340 10.64 -13.52 11.13
CA GLY B 340 12.03 -13.92 11.14
C GLY B 340 12.21 -15.32 11.60
N GLN B 341 13.48 -15.66 11.82
CA GLN B 341 13.81 -16.88 12.47
C GLN B 341 13.29 -16.73 13.90
N LEU B 342 13.27 -17.84 14.64
CA LEU B 342 12.92 -17.79 16.05
C LEU B 342 14.09 -17.07 16.73
N LEU B 343 13.87 -15.98 17.47
CA LEU B 343 15.07 -15.42 18.11
C LEU B 343 15.63 -16.18 19.37
N SER B 344 16.94 -16.02 19.58
CA SER B 344 17.75 -16.52 20.73
C SER B 344 18.84 -15.43 21.15
N GLY B 345 19.68 -15.64 22.15
CA GLY B 345 20.58 -14.54 22.67
C GLY B 345 19.84 -13.38 23.38
N THR B 346 20.28 -12.12 23.20
CA THR B 346 19.66 -10.97 23.87
C THR B 346 18.30 -10.63 23.30
N TYR B 347 17.30 -10.44 24.17
CA TYR B 347 15.93 -10.06 23.74
C TYR B 347 15.71 -8.61 24.17
N GLU B 348 15.02 -7.80 23.36
CA GLU B 348 14.75 -6.39 23.67
C GLU B 348 13.30 -6.14 24.03
N SER B 349 13.05 -5.30 25.03
CA SER B 349 11.68 -5.16 25.54
C SER B 349 10.75 -4.40 24.58
N TRP B 350 11.23 -3.39 23.87
CA TRP B 350 10.35 -2.66 22.96
C TRP B 350 9.97 -3.53 21.77
N SER B 351 10.95 -4.18 21.14
CA SER B 351 10.66 -5.08 20.01
CA SER B 351 10.71 -5.11 20.04
C SER B 351 9.74 -6.23 20.43
N SER B 352 9.94 -6.78 21.65
CA SER B 352 9.18 -7.94 22.15
C SER B 352 7.77 -7.57 22.65
N ALA B 353 7.51 -6.29 22.85
CA ALA B 353 6.22 -5.88 23.44
C ALA B 353 5.05 -6.11 22.48
N ALA B 354 5.31 -6.00 21.17
CA ALA B 354 4.18 -5.98 20.22
C ALA B 354 3.38 -7.27 20.25
N ALA B 355 4.07 -8.40 20.38
CA ALA B 355 3.34 -9.68 20.42
C ALA B 355 2.49 -9.80 21.69
N VAL B 356 2.99 -9.24 22.78
CA VAL B 356 2.23 -9.24 24.05
C VAL B 356 0.98 -8.35 23.91
N GLN B 357 1.17 -7.18 23.36
CA GLN B 357 0.05 -6.28 23.09
C GLN B 357 -1.03 -6.97 22.26
N ALA B 358 -0.60 -7.66 21.20
CA ALA B 358 -1.53 -8.30 20.28
C ALA B 358 -2.42 -9.33 20.95
N LEU B 359 -1.93 -9.97 22.00
CA LEU B 359 -2.75 -10.96 22.73
C LEU B 359 -3.57 -10.36 23.87
N ASN B 360 -3.45 -9.06 24.07
CA ASN B 360 -4.19 -8.35 25.10
C ASN B 360 -5.05 -7.27 24.46
N GLY B 361 -5.69 -7.67 23.36
CA GLY B 361 -6.65 -6.85 22.63
C GLY B 361 -8.08 -7.17 22.98
#